data_7BMA
#
_entry.id   7BMA
#
loop_
_entity.id
_entity.type
_entity.pdbx_description
1 polymer AGAG(CH+)C(5MeCH+)
2 polymer AGAGC(CH+)(5MeC)
#
loop_
_entity_poly.entity_id
_entity_poly.type
_entity_poly.pdbx_seq_one_letter_code
_entity_poly.pdbx_strand_id
1 'polydeoxyribonucleotide' (DA)(DG)(DA)(DG)(DNR)(DC)(U48) A,C
2 'polydeoxyribonucleotide' (DA)(DG)(DA)(DG)(DC)(DNR)(5CM) B,D
#
loop_
_chem_comp.id
_chem_comp.type
_chem_comp.name
_chem_comp.formula
5CM DNA linking 5-METHYL-2'-DEOXY-CYTIDINE-5'-MONOPHOSPHATE 'C10 H16 N3 O7 P'
DA DNA linking 2'-DEOXYADENOSINE-5'-MONOPHOSPHATE 'C10 H14 N5 O6 P'
DC DNA linking 2'-DEOXYCYTIDINE-5'-MONOPHOSPHATE 'C9 H14 N3 O7 P'
DG DNA linking 2'-DEOXYGUANOSINE-5'-MONOPHOSPHATE 'C10 H14 N5 O7 P'
DNR DNA linking '2'-DEOXY-N3-PROTONATED CYTIDINE-5'-MONOPHOSPHATE' 'C9 H15 N3 O7 P 1'
U48 DNA linking '5-METHYL-2'-DEOXY-N3-PROTONATED CYTIDINE-5'-MONOPHOSPHATE' 'C10 H17 N3 O7 P 1'
#
# COMPACT_ATOMS: atom_id res chain seq x y z
P DNR A 5 -11.40 7.63 -1.80
OP1 DNR A 5 -12.40 7.63 -0.67
OP2 DNR A 5 -10.61 8.91 -1.74
O5' DNR A 5 -10.46 6.30 -1.85
C5' DNR A 5 -11.06 5.04 -1.51
C4' DNR A 5 -10.02 3.90 -1.36
O4' DNR A 5 -9.46 3.47 -2.63
C1' DNR A 5 -8.31 2.64 -2.36
N1 DNR A 5 -7.38 2.62 -3.52
C6 DNR A 5 -6.92 3.85 -4.04
C2 DNR A 5 -6.94 1.42 -4.08
O2 DNR A 5 -7.33 0.32 -3.71
N3 DNR A 5 -6.00 1.49 -5.14
C4 DNR A 5 -5.54 2.63 -5.64
N4 DNR A 5 -4.68 2.61 -6.67
C5 DNR A 5 -5.97 3.91 -5.13
C2' DNR A 5 -7.72 3.21 -1.04
C3' DNR A 5 -8.76 4.23 -0.53
O3' DNR A 5 -9.06 4.05 0.87
H5' DNR A 5 -11.81 4.76 -2.26
H5'' DNR A 5 -11.58 5.13 -0.54
H4' DNR A 5 -10.51 3.04 -0.91
H1' DNR A 5 -8.68 1.62 -2.14
H6 DNR A 5 -7.33 4.74 -3.58
HN3 DNR A 5 -5.62 0.66 -5.61
H41 DNR A 5 -4.38 1.72 -7.05
H42 DNR A 5 -4.36 3.47 -7.08
H5 DNR A 5 -5.60 4.85 -5.55
H2' DNR A 5 -6.74 3.71 -1.20
H2'' DNR A 5 -7.55 2.40 -0.31
H3' DNR A 5 -8.43 5.25 -0.73
C2 U48 A 7 1.37 -0.51 5.26
O2 U48 A 7 1.43 -1.72 5.07
C4 U48 A 7 2.28 1.69 4.72
C5 U48 A 7 1.29 2.38 5.52
C6 U48 A 7 0.35 1.51 6.18
OP1 U48 A 7 -5.86 2.65 7.81
P U48 A 7 -4.99 2.45 6.60
OP2 U48 A 7 -4.58 3.82 6.10
O5' U48 A 7 -3.70 1.50 6.90
C5' U48 A 7 -3.92 0.26 7.60
C4' U48 A 7 -2.59 -0.45 7.90
O4' U48 A 7 -1.79 -0.57 6.69
C3' U48 A 7 -1.66 0.24 8.91
O3' U48 A 7 -2.00 -0.08 10.27
C2' U48 A 7 -0.28 -0.32 8.52
C1' U48 A 7 -0.40 -0.73 7.02
N1 U48 A 7 0.43 0.09 6.10
C5M U48 A 7 1.20 3.89 5.62
N4 U48 A 7 3.23 2.35 4.02
N3 U48 A 7 2.27 0.32 4.61
H6 U48 A 7 -0.48 1.89 6.75
H5' U48 A 7 -4.45 0.45 8.54
H5'' U48 A 7 -4.57 -0.40 7.00
H4' U48 A 7 -2.80 -1.47 8.29
H3' U48 A 7 -1.68 1.33 8.76
H3T U48 A 7 -1.40 0.47 10.86
H2' U48 A 7 -0.05 -1.21 9.12
H2'' U48 A 7 0.52 0.41 8.71
H1' U48 A 7 -0.15 -1.80 6.94
H53 U48 A 7 2.13 4.31 6.04
H51 U48 A 7 0.36 4.21 6.26
H52 U48 A 7 1.05 4.33 4.62
H41 U48 A 7 3.93 1.89 3.48
H42 U48 A 7 3.28 3.34 4.04
H3 U48 A 7 2.94 -0.14 4.01
P DNR B 6 2.19 -4.39 -7.88
OP1 DNR B 6 2.30 -5.56 -8.82
OP2 DNR B 6 1.85 -4.93 -6.52
O5' DNR B 6 3.54 -3.49 -7.98
C5' DNR B 6 4.22 -3.08 -6.78
C4' DNR B 6 3.67 -1.74 -6.21
O4' DNR B 6 2.36 -1.92 -5.60
C1' DNR B 6 2.28 -1.22 -4.33
N1 DNR B 6 1.23 -1.79 -3.45
C6 DNR B 6 1.02 -3.19 -3.39
C2 DNR B 6 0.49 -0.94 -2.63
O2 DNR B 6 0.63 0.27 -2.62
N3 DNR B 6 -0.47 -1.53 -1.76
C4 DNR B 6 -0.68 -2.84 -1.69
N4 DNR B 6 -1.60 -3.31 -0.82
C5 DNR B 6 0.04 -3.77 -2.50
C2' DNR B 6 3.71 -1.34 -3.79
C3' DNR B 6 4.57 -1.20 -5.05
O3' DNR B 6 4.82 0.19 -5.28
H5' DNR B 6 5.28 -2.92 -7.04
H5'' DNR B 6 4.20 -3.87 -6.02
H4' DNR B 6 3.60 -1.00 -7.01
H1' DNR B 6 2.08 -0.16 -4.55
H6 DNR B 6 1.64 -3.78 -4.06
HN3 DNR B 6 -1.07 -0.98 -1.13
H41 DNR B 6 -2.13 -2.66 -0.24
H42 DNR B 6 -1.78 -4.29 -0.76
H5 DNR B 6 -0.11 -4.85 -2.44
H2' DNR B 6 3.88 -2.31 -3.33
H2'' DNR B 6 3.94 -0.56 -3.05
H3' DNR B 6 5.49 -1.78 -4.94
N1 5CM B 7 5.64 -0.99 1.10
C2 5CM B 7 4.83 -0.45 2.10
N3 5CM B 7 4.04 -1.29 2.92
C4 5CM B 7 4.08 -2.60 2.73
C5 5CM B 7 4.83 -3.27 1.69
C5A 5CM B 7 4.82 -4.77 1.45
C6 5CM B 7 5.62 -2.39 0.86
O2 5CM B 7 4.78 0.75 2.33
N4 5CM B 7 3.30 -3.29 3.56
C1' 5CM B 7 6.62 -0.15 0.37
C2' 5CM B 7 8.10 -0.60 0.48
C3' 5CM B 7 8.71 -0.32 -0.92
C4' 5CM B 7 7.56 0.34 -1.71
O4' 5CM B 7 6.37 -0.16 -1.04
O3' 5CM B 7 9.83 0.56 -0.81
C5' 5CM B 7 7.52 -0.05 -3.21
O5' 5CM B 7 6.71 0.92 -3.91
P 5CM B 7 6.37 0.70 -5.49
OP1 5CM B 7 6.45 1.96 -6.30
OP2 5CM B 7 7.24 -0.35 -6.15
H5A1 5CM B 7 5.17 -5.31 2.34
H5A2 5CM B 7 5.47 -5.04 0.61
H5A3 5CM B 7 3.80 -5.11 1.22
H6 5CM B 7 6.21 -2.74 0.01
HN41 5CM B 7 2.74 -2.77 4.20
HN42 5CM B 7 3.06 -4.24 3.40
H1' 5CM B 7 6.56 0.90 0.69
H2' 5CM B 7 8.62 -0.04 1.26
H2'' 5CM B 7 8.20 -1.67 0.71
H3' 5CM B 7 9.00 -1.27 -1.39
H4' 5CM B 7 7.61 1.43 -1.60
HO3' 5CM B 7 10.59 0.06 -0.41
H5' 5CM B 7 7.12 -1.06 -3.33
H5'' 5CM B 7 8.53 -0.03 -3.62
P DNR C 5 9.84 7.97 3.27
OP1 DNR C 5 10.59 8.47 2.06
OP2 DNR C 5 8.87 9.03 3.68
O5' DNR C 5 9.15 6.50 3.06
C5' DNR C 5 9.93 5.49 2.38
C4' DNR C 5 9.11 4.20 2.10
O4' DNR C 5 8.78 3.51 3.33
C1' DNR C 5 7.63 2.69 3.09
N1 DNR C 5 7.03 2.16 4.34
C6 DNR C 5 6.44 3.04 5.28
C2 DNR C 5 6.90 0.77 4.55
O2 DNR C 5 7.42 -0.06 3.82
N3 DNR C 5 6.13 0.32 5.65
C4 DNR C 5 5.53 1.15 6.50
N4 DNR C 5 4.82 0.64 7.51
C5 DNR C 5 5.65 2.58 6.38
C2' DNR C 5 6.74 3.61 2.23
C3' DNR C 5 7.74 4.40 1.38
O3' DNR C 5 7.76 3.80 0.06
H5' DNR C 5 10.81 5.23 2.99
H5'' DNR C 5 10.30 5.88 1.44
H4' DNR C 5 9.73 3.54 1.50
H1' DNR C 5 7.96 1.85 2.45
H6 DNR C 5 6.64 4.10 5.10
HN3 DNR C 5 5.97 -0.66 5.87
H41 DNR C 5 4.73 -0.37 7.60
H42 DNR C 5 4.38 1.24 8.18
H5 DNR C 5 5.19 3.26 7.10
H2' DNR C 5 6.17 4.30 2.85
H2'' DNR C 5 6.03 3.05 1.61
H3' DNR C 5 7.44 5.46 1.32
C2 U48 C 7 -1.12 0.86 -5.22
O2 U48 C 7 -0.89 -0.33 -5.38
C4 U48 C 7 -2.46 2.55 -4.07
C5 U48 C 7 -1.78 3.65 -4.72
C6 U48 C 7 -0.74 3.24 -5.62
OP1 U48 C 7 3.85 6.63 -4.92
P U48 C 7 3.22 5.31 -5.33
OP2 U48 C 7 1.73 5.43 -5.12
O5' U48 C 7 3.66 4.94 -6.87
C5' U48 C 7 2.73 4.25 -7.75
C4' U48 C 7 2.71 2.71 -7.52
O4' U48 C 7 1.91 2.39 -6.35
C3' U48 C 7 2.02 1.97 -8.70
O3' U48 C 7 2.65 0.71 -8.95
C2' U48 C 7 0.59 1.77 -8.20
C1' U48 C 7 0.77 1.56 -6.69
N1 U48 C 7 -0.39 1.88 -5.84
C5M U48 C 7 -2.11 5.12 -4.48
N4 U48 C 7 -3.43 2.76 -3.14
N3 U48 C 7 -2.13 1.25 -4.35
H6 U48 C 7 -0.13 3.97 -6.17
H5' U48 C 7 1.73 4.68 -7.68
H5'' U48 C 7 3.09 4.45 -8.77
H4' U48 C 7 3.74 2.34 -7.39
H3' U48 C 7 2.04 2.57 -9.63
H3T U48 C 7 2.28 0.34 -9.80
H2' U48 C 7 -0.01 2.67 -8.40
H2'' U48 C 7 0.09 0.91 -8.68
H1' U48 C 7 1.08 0.51 -6.54
H53 U48 C 7 -3.15 5.33 -4.76
H51 U48 C 7 -1.46 5.77 -5.05
H52 U48 C 7 -1.99 5.36 -3.41
H41 U48 C 7 -3.91 2.01 -2.69
H42 U48 C 7 -3.70 3.68 -2.88
H3 U48 C 7 -2.65 0.50 -3.91
P DNR D 6 -1.13 -4.96 9.26
OP1 DNR D 6 -1.30 -4.34 10.62
OP2 DNR D 6 -1.62 -6.39 9.31
O5' DNR D 6 -1.84 -4.06 8.09
C5' DNR D 6 -2.57 -4.72 7.04
C4' DNR D 6 -2.89 -3.66 5.96
O4' DNR D 6 -1.72 -3.37 5.19
C1' DNR D 6 -2.14 -2.75 3.96
N1 DNR D 6 -1.01 -2.71 3.00
C6 DNR D 6 -0.43 -3.91 2.53
C2 DNR D 6 -0.50 -1.48 2.56
O2 DNR D 6 -0.93 -0.41 2.96
N3 DNR D 6 0.53 -1.51 1.59
C4 DNR D 6 1.05 -2.63 1.11
N4 DNR D 6 2.01 -2.55 0.15
C5 DNR D 6 0.62 -3.93 1.55
C2' DNR D 6 -3.38 -3.59 3.57
C3' DNR D 6 -3.97 -4.06 4.92
O3' DNR D 6 -5.16 -3.33 5.24
H5' DNR D 6 -3.50 -5.14 7.45
H5'' DNR D 6 -1.99 -5.54 6.60
H4' DNR D 6 -3.24 -2.74 6.46
H1' DNR D 6 -2.47 -1.74 4.21
H6 DNR D 6 -0.83 -4.83 2.96
HN3 DNR D 6 0.96 -0.66 1.21
H41 DNR D 6 2.32 -1.64 -0.16
H42 DNR D 6 2.42 -3.38 -0.22
H5 DNR D 6 1.05 -4.85 1.16
H2' DNR D 6 -3.12 -4.46 2.96
H2'' DNR D 6 -4.10 -2.98 3.00
H3' DNR D 6 -4.13 -5.15 4.93
N1 5CM D 7 -5.29 -1.73 -1.76
C2 5CM D 7 -4.50 -0.74 -2.36
N3 5CM D 7 -3.51 -1.12 -3.30
C4 5CM D 7 -3.36 -2.39 -3.60
C5 5CM D 7 -4.11 -3.49 -3.03
C5A 5CM D 7 -3.88 -4.95 -3.38
C6 5CM D 7 -5.09 -3.09 -2.08
O2 5CM D 7 -4.61 0.45 -2.12
N4 5CM D 7 -2.39 -2.62 -4.50
C1' 5CM D 7 -6.36 -1.36 -0.80
C2' 5CM D 7 -7.79 -1.78 -1.23
C3' 5CM D 7 -8.35 -2.60 -0.06
C4' 5CM D 7 -7.39 -2.28 1.11
O4' 5CM D 7 -6.14 -2.06 0.44
O3' 5CM D 7 -9.69 -2.19 0.26
C5' 5CM D 7 -7.24 -3.42 2.14
O5' 5CM D 7 -6.77 -2.85 3.39
P 5CM D 7 -6.62 -3.84 4.69
OP1 5CM D 7 -7.70 -3.54 5.70
OP2 5CM D 7 -6.67 -5.30 4.34
H5A1 5CM D 7 -4.03 -5.12 -4.45
H5A2 5CM D 7 -4.57 -5.61 -2.83
H5A3 5CM D 7 -2.86 -5.26 -3.15
H6 5CM D 7 -5.73 -3.80 -1.54
HN41 5CM D 7 -1.85 -1.84 -4.80
HN42 5CM D 7 -2.02 -3.53 -4.66
H1' 5CM D 7 -6.37 -0.28 -0.59
H2' 5CM D 7 -7.79 -2.38 -2.15
H2'' 5CM D 7 -8.39 -0.89 -1.42
H3' 5CM D 7 -8.32 -3.67 -0.29
H4' 5CM D 7 -7.72 -1.36 1.60
HO3' 5CM D 7 -10.29 -2.52 -0.46
H5' 5CM D 7 -6.54 -4.18 1.78
H5'' 5CM D 7 -8.21 -3.90 2.31
P DNR A 5 -11.21 7.48 -1.95
OP1 DNR A 5 -12.06 7.53 -0.70
OP2 DNR A 5 -10.22 8.62 -1.88
O5' DNR A 5 -10.57 6.00 -2.17
C5' DNR A 5 -9.16 5.79 -1.95
C4' DNR A 5 -8.86 4.27 -2.04
O4' DNR A 5 -8.51 3.92 -3.40
C1' DNR A 5 -7.68 2.73 -3.40
N1 DNR A 5 -6.85 2.63 -4.63
C6 DNR A 5 -6.44 3.81 -5.31
C2 DNR A 5 -6.41 1.39 -5.10
O2 DNR A 5 -6.69 0.34 -4.56
N3 DNR A 5 -5.60 1.37 -6.26
C4 DNR A 5 -5.23 2.47 -6.92
N4 DNR A 5 -4.47 2.35 -8.03
C5 DNR A 5 -5.62 3.79 -6.49
C2' DNR A 5 -6.88 2.83 -2.09
C3' DNR A 5 -7.68 3.78 -1.18
O3' DNR A 5 -8.18 3.02 -0.06
H5' DNR A 5 -8.57 6.36 -2.68
H5'' DNR A 5 -8.91 6.17 -0.95
H4' DNR A 5 -9.77 3.71 -1.77
H1' DNR A 5 -8.37 1.85 -3.34
H6 DNR A 5 -6.79 4.75 -4.87
HN3 DNR A 5 -5.22 0.52 -6.68
H41 DNR A 5 -4.06 3.18 -8.48
H42 DNR A 5 -3.79 1.59 -8.13
H5 DNR A 5 -5.32 4.69 -7.01
H2' DNR A 5 -6.72 1.84 -1.64
H2'' DNR A 5 -5.89 3.27 -2.29
H3' DNR A 5 -7.02 4.60 -0.85
C2 U48 A 7 2.02 0.02 4.69
O2 U48 A 7 2.12 -1.20 4.72
C4 U48 A 7 2.83 2.11 3.74
C5 U48 A 7 1.88 2.91 4.46
C6 U48 A 7 1.02 2.15 5.33
OP1 U48 A 7 -5.27 3.13 7.43
P U48 A 7 -4.42 2.91 6.21
OP2 U48 A 7 -4.18 4.26 5.57
O5' U48 A 7 -3.03 2.13 6.54
C5' U48 A 7 -3.10 0.96 7.38
C4' U48 A 7 -1.69 0.39 7.65
O4' U48 A 7 -1.00 0.11 6.41
C3' U48 A 7 -0.73 1.28 8.44
O3' U48 A 7 -0.91 1.13 9.86
C2' U48 A 7 0.65 0.76 7.99
C1' U48 A 7 0.43 0.08 6.62
N1 U48 A 7 1.12 0.74 5.48
C5M U48 A 7 1.75 4.42 4.32
N4 U48 A 7 3.73 2.66 2.87
N3 U48 A 7 2.85 0.74 3.85
H6 U48 A 7 0.22 2.62 5.90
H5' U48 A 7 -3.73 0.20 6.91
H5'' U48 A 7 -3.57 1.22 8.34
H4' U48 A 7 -1.81 -0.56 8.20
H3' U48 A 7 -0.86 2.32 8.14
H3T U48 A 7 -0.32 1.81 10.31
H2' U48 A 7 1.39 1.58 7.95
H2'' U48 A 7 1.03 0.02 8.71
H1' U48 A 7 0.74 -0.97 6.70
H53 U48 A 7 2.70 4.90 4.60
H51 U48 A 7 0.96 4.82 4.96
H52 U48 A 7 1.53 4.69 3.28
H41 U48 A 7 3.68 3.63 2.56
H42 U48 A 7 4.32 2.10 2.23
H3 U48 A 7 3.51 0.20 3.30
P DNR B 6 2.90 -2.84 -10.14
OP1 DNR B 6 2.43 -2.03 -11.33
OP2 DNR B 6 4.15 -3.56 -10.56
O5' DNR B 6 3.11 -1.93 -8.81
C5' DNR B 6 3.98 -2.43 -7.78
C4' DNR B 6 3.99 -1.44 -6.59
O4' DNR B 6 2.72 -1.45 -5.91
C1' DNR B 6 2.88 -0.93 -4.58
N1 DNR B 6 1.81 -1.49 -3.72
C6 DNR B 6 1.71 -2.89 -3.55
C2 DNR B 6 0.96 -0.64 -3.00
O2 DNR B 6 0.98 0.57 -3.11
N3 DNR B 6 0.05 -1.25 -2.09
C4 DNR B 6 -0.03 -2.56 -1.91
N4 DNR B 6 -0.91 -3.05 -1.00
C5 DNR B 6 0.79 -3.49 -2.62
C2' DNR B 6 4.33 -1.31 -4.18
C3' DNR B 6 5.00 -1.81 -5.47
O3' DNR B 6 6.25 -1.12 -5.70
H5' DNR B 6 3.64 -3.42 -7.44
H5'' DNR B 6 5.00 -2.54 -8.18
H4' DNR B 6 4.21 -0.42 -6.95
H1' DNR B 6 2.81 0.16 -4.65
H6 DNR B 6 2.37 -3.48 -4.19
HN3 DNR B 6 -0.61 -0.72 -1.53
H41 DNR B 6 -1.39 -3.94 -1.16
H42 DNR B 6 -1.61 -2.42 -0.56
H5 DNR B 6 0.72 -4.58 -2.48
H2' DNR B 6 4.35 -2.09 -3.41
H2'' DNR B 6 4.84 -0.43 -3.77
H3' DNR B 6 5.13 -2.90 -5.45
N1 5CM B 7 6.41 -1.13 0.83
C2 5CM B 7 5.46 -0.45 1.61
N3 5CM B 7 4.64 -1.17 2.51
C4 5CM B 7 4.77 -2.49 2.61
C5 5CM B 7 5.68 -3.29 1.81
C5A 5CM B 7 5.74 -4.81 1.87
C6 5CM B 7 6.50 -2.54 0.91
O2 5CM B 7 5.31 0.76 1.59
N4 5CM B 7 3.94 -3.05 3.49
C1' 5CM B 7 7.44 -0.32 0.12
C2' 5CM B 7 8.74 -0.97 -0.37
C3' 5CM B 7 9.29 0.08 -1.32
C4' 5CM B 7 8.02 0.76 -1.89
O4' 5CM B 7 6.92 0.28 -1.07
O3' 5CM B 7 10.08 1.02 -0.58
C5' 5CM B 7 7.74 0.40 -3.38
O5' 5CM B 7 7.54 -1.03 -3.53
P 5CM B 7 7.62 -1.69 -5.02
OP1 5CM B 7 8.83 -1.25 -5.80
OP2 5CM B 7 7.65 -3.21 -4.93
H5A1 5CM B 7 6.51 -5.20 1.20
H5A2 5CM B 7 4.77 -5.25 1.58
H5A3 5CM B 7 5.96 -5.14 2.89
H6 5CM B 7 7.19 -3.04 0.22
HN41 5CM B 7 3.25 -2.43 3.93
HN42 5CM B 7 3.46 -3.91 3.23
H1' 5CM B 7 7.74 0.50 0.79
H2' 5CM B 7 8.55 -1.88 -0.95
H2'' 5CM B 7 9.43 -1.21 0.45
H3' 5CM B 7 9.91 -0.37 -2.11
H4' 5CM B 7 8.09 1.85 -1.80
HO3' 5CM B 7 10.56 1.61 -1.22
H5' 5CM B 7 8.60 0.73 -4.00
H5'' 5CM B 7 6.86 0.94 -3.75
P DNR C 5 9.99 8.24 3.09
OP1 DNR C 5 11.01 8.77 2.11
OP2 DNR C 5 8.95 9.30 3.33
O5' DNR C 5 9.35 6.81 2.66
C5' DNR C 5 10.23 5.83 2.07
C4' DNR C 5 9.49 4.51 1.75
O4' DNR C 5 9.06 3.86 2.97
C1' DNR C 5 8.07 2.87 2.63
N1 DNR C 5 7.28 2.45 3.81
C6 DNR C 5 6.57 3.41 4.56
C2 DNR C 5 7.14 1.09 4.13
O2 DNR C 5 7.75 0.20 3.55
N3 DNR C 5 6.25 0.74 5.17
C4 DNR C 5 5.56 1.63 5.87
N4 DNR C 5 4.72 1.21 6.84
C5 DNR C 5 5.65 3.04 5.62
C2' DNR C 5 7.25 3.56 1.51
C3' DNR C 5 8.19 4.62 0.90
O3' DNR C 5 8.42 4.25 -0.48
H5' DNR C 5 10.66 6.24 1.15
H5'' DNR C 5 11.06 5.62 2.75
H4' DNR C 5 10.19 3.83 1.23
H1' DNR C 5 8.61 2.03 2.19
H6 DNR C 5 6.76 4.45 4.28
HN3 DNR C 5 6.09 -0.23 5.48
H41 DNR C 5 4.77 1.64 7.77
H42 DNR C 5 4.62 0.20 7.04
H5 DNR C 5 5.10 3.78 6.20
H2' DNR C 5 6.35 4.07 1.90
H2'' DNR C 5 6.91 2.84 0.76
H3' DNR C 5 7.73 5.61 0.99
C2 U48 C 7 -1.16 0.37 -5.54
O2 U48 C 7 -0.90 -0.81 -5.68
C4 U48 C 7 -2.59 2.03 -4.44
C5 U48 C 7 -1.89 3.14 -5.06
C6 U48 C 7 -0.83 2.75 -5.94
OP1 U48 C 7 6.90 2.91 -5.61
P U48 C 7 5.72 3.62 -6.21
OP2 U48 C 7 6.23 4.54 -7.30
O5' U48 C 7 4.56 2.59 -6.74
C5' U48 C 7 3.61 3.09 -7.69
C4' U48 C 7 2.58 1.98 -8.00
O4' U48 C 7 1.80 1.72 -6.82
C3' U48 C 7 1.53 2.38 -9.06
O3' U48 C 7 1.95 2.01 -10.38
C2' U48 C 7 0.27 1.61 -8.63
C1' U48 C 7 0.56 1.09 -7.20
N1 U48 C 7 -0.49 1.40 -6.18
C5M U48 C 7 -2.24 4.60 -4.80
N4 U48 C 7 -3.60 2.21 -3.58
N3 U48 C 7 -2.21 0.73 -4.70
H6 U48 C 7 -0.20 3.49 -6.45
H5' U48 C 7 4.13 3.38 -8.62
H5'' U48 C 7 3.11 3.98 -7.30
H4' U48 C 7 3.09 1.07 -8.32
H3' U48 C 7 1.34 3.46 -9.00
H3T U48 C 7 1.28 2.38 -11.03
H2' U48 C 7 -0.61 2.27 -8.66
H2'' U48 C 7 0.05 0.78 -9.30
H1' U48 C 7 0.74 0.01 -7.25
H53 U48 C 7 -2.10 4.84 -3.73
H51 U48 C 7 -3.28 4.80 -5.04
H52 U48 C 7 -1.60 5.28 -5.38
H41 U48 C 7 -3.71 3.10 -3.07
H42 U48 C 7 -3.94 1.44 -2.96
H3 U48 C 7 -2.68 -0.03 -4.23
P DNR D 6 -0.72 -5.04 8.41
OP1 DNR D 6 -1.23 -4.28 9.60
OP2 DNR D 6 -0.87 -6.51 8.66
O5' DNR D 6 -1.41 -4.58 7.00
C5' DNR D 6 -1.96 -3.25 6.90
C4' DNR D 6 -2.49 -2.96 5.48
O4' DNR D 6 -1.39 -2.60 4.62
C1' DNR D 6 -1.62 -3.10 3.28
N1 DNR D 6 -0.36 -3.02 2.48
C6 DNR D 6 0.28 -4.18 1.95
C2 DNR D 6 0.14 -1.76 2.14
O2 DNR D 6 -0.38 -0.72 2.51
N3 DNR D 6 1.29 -1.70 1.31
C4 DNR D 6 1.89 -2.76 0.82
N4 DNR D 6 2.96 -2.60 0.00
C5 DNR D 6 1.45 -4.09 1.11
C2' DNR D 6 -2.30 -4.46 3.57
C3' DNR D 6 -3.20 -4.15 4.78
O3' DNR D 6 -4.52 -3.73 4.34
H5' DNR D 6 -1.19 -2.53 7.18
H5'' DNR D 6 -2.79 -3.15 7.62
H4' DNR D 6 -3.18 -2.10 5.52
H1' DNR D 6 -2.37 -2.45 2.80
H6 DNR D 6 -0.15 -5.13 2.22
HN3 DNR D 6 1.71 -0.82 0.99
H41 DNR D 6 3.20 -1.70 -0.44
H42 DNR D 6 3.27 -3.34 -0.62
H5 DNR D 6 1.93 -4.98 0.70
H2' DNR D 6 -1.56 -5.21 3.88
H2'' DNR D 6 -2.85 -4.83 2.70
H3' DNR D 6 -3.28 -5.01 5.44
N1 5CM D 7 -4.69 -2.31 -1.59
C2 5CM D 7 -4.10 -1.33 -2.39
N3 5CM D 7 -3.17 -1.69 -3.39
C4 5CM D 7 -2.90 -2.97 -3.59
C5 5CM D 7 -3.48 -4.08 -2.85
C5A 5CM D 7 -3.16 -5.53 -3.11
C6 5CM D 7 -4.40 -3.68 -1.83
O2 5CM D 7 -4.34 -0.13 -2.26
N4 5CM D 7 -1.97 -3.19 -4.52
C1' 5CM D 7 -5.64 -1.95 -0.52
C2' 5CM D 7 -7.11 -2.30 -0.81
C3' 5CM D 7 -7.71 -2.59 0.57
C4' 5CM D 7 -6.52 -3.08 1.42
O4' 5CM D 7 -5.32 -2.68 0.69
O3' 5CM D 7 -8.27 -1.39 1.10
C5' 5CM D 7 -6.51 -4.63 1.55
O5' 5CM D 7 -5.48 -5.09 2.47
P 5CM D 7 -5.66 -4.87 4.08
OP1 5CM D 7 -7.02 -4.35 4.47
OP2 5CM D 7 -5.42 -6.17 4.80
H5A1 5CM D 7 -3.45 -5.83 -4.12
H5A2 5CM D 7 -3.67 -6.20 -2.39
H5A3 5CM D 7 -2.07 -5.71 -3.02
H6 5CM D 7 -4.90 -4.40 -1.17
HN41 5CM D 7 -2.20 -3.85 -5.27
HN42 5CM D 7 -1.59 -2.37 -5.01
H1' 5CM D 7 -5.59 -0.88 -0.27
H2' 5CM D 7 -7.17 -3.20 -1.44
H2'' 5CM D 7 -7.63 -1.49 -1.34
H3' 5CM D 7 -8.51 -3.35 0.49
H4' 5CM D 7 -6.54 -2.60 2.41
HO3' 5CM D 7 -8.86 -1.63 1.87
H5' 5CM D 7 -7.48 -4.99 1.90
H5'' 5CM D 7 -6.34 -5.10 0.57
P DNR A 5 -10.43 6.82 -1.04
OP1 DNR A 5 -11.32 6.83 0.18
OP2 DNR A 5 -9.39 7.89 -0.86
O5' DNR A 5 -9.80 5.35 -1.38
C5' DNR A 5 -10.68 4.20 -1.25
C4' DNR A 5 -9.94 2.84 -1.37
O4' DNR A 5 -9.35 2.62 -2.67
C1' DNR A 5 -8.42 1.52 -2.54
N1 DNR A 5 -7.49 1.45 -3.70
C6 DNR A 5 -6.89 2.63 -4.19
C2 DNR A 5 -7.12 0.22 -4.25
O2 DNR A 5 -7.59 -0.85 -3.87
N3 DNR A 5 -6.17 0.21 -5.30
C4 DNR A 5 -5.61 1.32 -5.78
N4 DNR A 5 -4.71 1.23 -6.78
C5 DNR A 5 -5.92 2.62 -5.27
C2' DNR A 5 -7.76 1.77 -1.17
C3' DNR A 5 -8.77 2.62 -0.37
O3' DNR A 5 -9.28 1.83 0.75
H5' DNR A 5 -11.19 4.24 -0.27
H5'' DNR A 5 -11.47 4.26 -2.01
H4' DNR A 5 -10.69 2.06 -1.21
H1' DNR A 5 -9.02 0.60 -2.48
H6 DNR A 5 -7.22 3.56 -3.71
HN3 DNR A 5 -5.84 -0.64 -5.77
H41 DNR A 5 -4.39 0.32 -7.16
H42 DNR A 5 -4.84 1.82 -7.60
H5 DNR A 5 -5.46 3.53 -5.65
H2' DNR A 5 -7.53 0.83 -0.67
H2'' DNR A 5 -6.82 2.33 -1.28
H3' DNR A 5 -8.31 3.55 -0.06
C2 U48 A 7 1.16 -0.46 5.23
O2 U48 A 7 1.14 -1.67 5.06
C4 U48 A 7 2.30 1.66 4.79
C5 U48 A 7 1.39 2.42 5.62
C6 U48 A 7 0.35 1.63 6.22
OP1 U48 A 7 -6.51 0.67 8.29
P U48 A 7 -6.17 1.24 6.94
OP2 U48 A 7 -7.27 2.18 6.53
O5' U48 A 7 -4.69 1.94 6.88
C5' U48 A 7 -3.67 1.59 7.85
C4' U48 A 7 -3.03 0.21 7.56
O4' U48 A 7 -2.14 0.33 6.43
C3' U48 A 7 -2.17 -0.30 8.74
O3' U48 A 7 -2.78 -1.40 9.41
C2' U48 A 7 -0.82 -0.71 8.11
C1' U48 A 7 -0.95 -0.47 6.59
N1 U48 A 7 0.21 0.24 5.99
C5M U48 A 7 1.51 3.92 5.84
N4 U48 A 7 3.28 2.26 4.06
N3 U48 A 7 2.17 0.29 4.67
H6 U48 A 7 -0.40 2.08 6.86
H5' U48 A 7 -4.11 1.61 8.86
H5'' U48 A 7 -2.90 2.37 7.83
H4' U48 A 7 -3.80 -0.55 7.33
H3' U48 A 7 -1.98 0.52 9.45
H3T U48 A 7 -3.50 -1.05 10.00
H2' U48 A 7 -0.01 -0.11 8.54
H2'' U48 A 7 -0.58 -1.77 8.31
H1' U48 A 7 -1.12 -1.42 6.09
H53 U48 A 7 0.73 4.28 6.53
H51 U48 A 7 1.39 4.46 4.89
H52 U48 A 7 2.48 4.17 6.27
H41 U48 A 7 3.31 3.27 3.91
H42 U48 A 7 3.75 1.79 3.28
H3 U48 A 7 2.82 -0.21 4.08
P DNR B 6 1.73 -4.04 -9.34
OP1 DNR B 6 1.09 -3.44 -10.56
OP2 DNR B 6 2.95 -4.82 -9.78
O5' DNR B 6 2.07 -2.93 -8.19
C5' DNR B 6 3.09 -3.27 -7.22
C4' DNR B 6 3.15 -2.18 -6.12
O4' DNR B 6 1.89 -2.14 -5.42
C1' DNR B 6 2.06 -1.59 -4.11
N1 DNR B 6 1.06 -2.22 -3.21
C6 DNR B 6 0.99 -3.63 -3.16
C2 DNR B 6 0.15 -1.45 -2.49
O2 DNR B 6 0.17 -0.22 -2.51
N3 DNR B 6 -0.81 -2.12 -1.71
C4 DNR B 6 -0.89 -3.45 -1.64
N4 DNR B 6 -1.86 -4.01 -0.89
C5 DNR B 6 0.00 -4.31 -2.36
C2' DNR B 6 3.54 -1.86 -3.74
C3' DNR B 6 4.18 -2.47 -5.01
O3' DNR B 6 5.43 -1.83 -5.33
H5' DNR B 6 2.84 -4.25 -6.76
H5'' DNR B 6 4.06 -3.37 -7.71
H4' DNR B 6 3.36 -1.20 -6.57
H1' DNR B 6 1.92 -0.49 -4.18
H6 DNR B 6 1.71 -4.17 -3.77
HN3 DNR B 6 -1.52 -1.64 -1.14
H41 DNR B 6 -2.45 -3.46 -0.25
H42 DNR B 6 -1.76 -4.96 -0.50
H5 DNR B 6 -0.08 -5.40 -2.32
H2' DNR B 6 3.65 -2.54 -2.89
H2'' DNR B 6 4.03 -0.91 -3.47
H3' DNR B 6 4.30 -3.56 -4.89
N1 5CM B 7 5.41 -1.24 1.16
C2 5CM B 7 4.58 -0.64 2.10
N3 5CM B 7 3.83 -1.44 2.99
C4 5CM B 7 3.94 -2.75 2.94
C5 5CM B 7 4.72 -3.48 1.96
C5A 5CM B 7 4.76 -5.00 1.87
C6 5CM B 7 5.45 -2.66 1.05
O2 5CM B 7 4.47 0.57 2.23
N4 5CM B 7 3.16 -3.38 3.83
C1' 5CM B 7 6.36 -0.39 0.39
C2' 5CM B 7 7.79 -0.91 0.14
C3' 5CM B 7 8.28 -0.01 -1.01
C4' 5CM B 7 6.98 0.42 -1.73
O4' 5CM B 7 5.88 -0.10 -0.94
O3' 5CM B 7 8.96 1.11 -0.43
C5' 5CM B 7 6.86 -0.10 -3.18
O5' 5CM B 7 6.74 -1.54 -3.19
P 5CM B 7 6.81 -2.34 -4.62
OP1 5CM B 7 8.02 -1.96 -5.43
OP2 5CM B 7 6.84 -3.83 -4.39
H5A1 5CM B 7 5.41 -5.34 1.04
H5A2 5CM B 7 3.76 -5.41 1.70
H5A3 5CM B 7 5.14 -5.44 2.80
H6 5CM B 7 6.03 -3.07 0.22
HN41 5CM B 7 2.42 -2.84 4.27
HN42 5CM B 7 2.77 -4.30 3.60
H1' 5CM B 7 6.48 0.56 0.89
H2' 5CM B 7 7.80 -1.96 -0.22
H2'' 5CM B 7 8.42 -0.85 1.03
H3' 5CM B 7 8.96 -0.57 -1.67
H4' 5CM B 7 6.93 1.52 -1.73
HO3' 5CM B 7 9.40 1.62 -1.18
H5' 5CM B 7 7.75 0.21 -3.76
H5'' 5CM B 7 5.99 0.35 -3.67
P DNR C 5 8.75 8.31 2.98
OP1 DNR C 5 9.37 8.97 1.77
OP2 DNR C 5 7.64 9.20 3.48
O5' DNR C 5 8.27 6.76 2.74
C5' DNR C 5 9.15 5.91 1.97
C4' DNR C 5 8.52 4.52 1.71
O4' DNR C 5 8.39 3.78 2.93
C1' DNR C 5 7.39 2.76 2.76
N1 DNR C 5 6.91 2.23 4.06
C6 DNR C 5 6.41 3.13 5.03
C2 DNR C 5 6.85 0.85 4.32
O2 DNR C 5 7.28 0.01 3.55
N3 DNR C 5 6.26 0.43 5.53
C4 DNR C 5 5.75 1.27 6.43
N4 DNR C 5 5.22 0.76 7.56
C5 DNR C 5 5.80 2.69 6.26
C2' DNR C 5 6.32 3.47 1.89
C3' DNR C 5 7.09 4.52 1.08
O3' DNR C 5 7.13 4.07 -0.29
H5' DNR C 5 9.38 6.39 1.02
H5'' DNR C 5 10.09 5.78 2.51
H4' DNR C 5 9.19 3.96 1.04
H1' DNR C 5 7.84 1.95 2.15
H6 DNR C 5 6.53 4.19 4.78
HN3 DNR C 5 6.15 -0.54 5.81
H41 DNR C 5 4.68 1.34 8.20
H42 DNR C 5 4.76 -0.17 7.56
H5 DNR C 5 5.41 3.39 7.01
H2' DNR C 5 5.58 3.98 2.53
H2'' DNR C 5 5.77 2.77 1.26
H3' DNR C 5 6.59 5.50 1.16
C2 U48 C 7 -2.02 -0.50 -4.87
O2 U48 C 7 -1.87 -1.70 -5.04
C4 U48 C 7 -3.15 1.26 -3.60
C5 U48 C 7 -2.39 2.32 -4.25
C6 U48 C 7 -1.47 1.85 -5.24
OP1 U48 C 7 6.20 1.89 -5.99
P U48 C 7 4.77 2.35 -5.91
OP2 U48 C 7 4.73 3.80 -6.29
O5' U48 C 7 3.76 1.43 -6.80
C5' U48 C 7 2.62 2.04 -7.42
C4' U48 C 7 1.55 0.96 -7.69
O4' U48 C 7 0.90 0.64 -6.44
C3' U48 C 7 0.40 1.40 -8.61
O3' U48 C 7 0.66 1.08 -9.98
C2' U48 C 7 -0.83 0.66 -8.06
C1' U48 C 7 -0.41 0.10 -6.68
N1 U48 C 7 -1.30 0.47 -5.56
C5M U48 C 7 -2.55 3.79 -3.91
N4 U48 C 7 -4.10 1.51 -2.67
N3 U48 C 7 -2.94 -0.06 -3.93
H6 U48 C 7 -0.83 2.53 -5.80
H5' U48 C 7 2.94 2.51 -8.35
H5'' U48 C 7 2.19 2.82 -6.77
H4' U48 C 7 2.02 0.05 -8.10
H3' U48 C 7 0.25 2.49 -8.51
H3T U48 C 7 -0.07 1.49 -10.53
H2' U48 C 7 -1.69 1.33 -7.98
H2'' U48 C 7 -1.12 -0.17 -8.72
H1' U48 C 7 -0.30 -0.99 -6.76
H53 U48 C 7 -3.59 4.11 -4.06
H51 U48 C 7 -1.91 4.41 -4.54
H52 U48 C 7 -2.28 3.97 -2.86
H41 U48 C 7 -4.14 2.40 -2.17
H42 U48 C 7 -4.55 0.78 -2.11
H3 U48 C 7 -3.47 -0.78 -3.46
P DNR D 6 -1.27 -5.61 8.74
OP1 DNR D 6 -1.86 -4.92 9.94
OP2 DNR D 6 -1.23 -7.08 9.01
O5' DNR D 6 -2.01 -5.29 7.32
C5' DNR D 6 -2.89 -4.13 7.21
C4' DNR D 6 -3.44 -4.00 5.77
O4' DNR D 6 -2.41 -3.43 4.92
C1' DNR D 6 -2.33 -4.15 3.67
N1 DNR D 6 -1.05 -3.91 2.96
C6 DNR D 6 -0.34 -4.99 2.36
C2 DNR D 6 -0.67 -2.60 2.61
O2 DNR D 6 -1.24 -1.61 3.04
N3 DNR D 6 0.39 -2.42 1.69
C4 DNR D 6 1.04 -3.43 1.12
N4 DNR D 6 1.99 -3.18 0.20
C5 DNR D 6 0.73 -4.80 1.40
C2' DNR D 6 -2.68 -5.58 4.12
C3' DNR D 6 -3.83 -5.36 5.12
O3' DNR D 6 -5.02 -5.28 4.32
H5' DNR D 6 -2.33 -3.23 7.49
H5'' DNR D 6 -3.71 -4.25 7.93
H4' DNR D 6 -4.30 -3.31 5.78
H1' DNR D 6 -3.15 -3.78 3.02
H6 DNR D 6 -0.65 -5.99 2.64
HN3 DNR D 6 0.73 -1.50 1.38
H41 DNR D 6 2.33 -2.22 -0.01
H42 DNR D 6 2.79 -3.81 0.08
H5 DNR D 6 1.25 -5.63 0.93
H2' DNR D 6 -1.83 -6.04 4.64
H2'' DNR D 6 -2.99 -6.22 3.28
H3' DNR D 6 -3.91 -6.18 5.83
N1 5CM D 7 -5.93 -2.95 -1.15
C2 5CM D 7 -5.18 -2.00 -1.86
N3 5CM D 7 -4.27 -2.42 -2.86
C4 5CM D 7 -4.14 -3.72 -3.11
C5 5CM D 7 -4.84 -4.78 -2.43
C5A 5CM D 7 -4.65 -6.25 -2.72
C6 5CM D 7 -5.77 -4.33 -1.42
O2 5CM D 7 -5.28 -0.80 -1.68
N4 5CM D 7 -3.23 -4.00 -4.07
C1' 5CM D 7 -6.95 -2.54 -0.17
C2' 5CM D 7 -8.41 -2.91 -0.54
C3' 5CM D 7 -8.93 -3.77 0.62
C4' 5CM D 7 -7.95 -3.46 1.78
O4' 5CM D 7 -6.71 -3.20 1.09
O3' 5CM D 7 -10.27 -3.38 0.96
C5' 5CM D 7 -7.74 -4.62 2.78
O5' 5CM D 7 -7.11 -4.10 3.97
P 5CM D 7 -6.49 -5.18 5.04
OP1 5CM D 7 -6.44 -4.68 6.45
OP2 5CM D 7 -7.18 -6.52 5.00
H5A1 5CM D 7 -5.30 -6.89 -2.11
H5A2 5CM D 7 -3.61 -6.55 -2.53
H5A3 5CM D 7 -4.87 -6.46 -3.78
H6 5CM D 7 -6.35 -5.01 -0.81
HN41 5CM D 7 -2.61 -4.78 -3.92
HN42 5CM D 7 -2.66 -3.22 -4.41
H1' 5CM D 7 -6.91 -1.46 0.02
H2' 5CM D 7 -8.46 -3.47 -1.49
H2'' 5CM D 7 -9.00 -2.00 -0.66
H3' 5CM D 7 -8.88 -4.83 0.35
H4' 5CM D 7 -8.28 -2.56 2.29
HO3' 5CM D 7 -10.65 -4.06 1.59
H5' 5CM D 7 -8.72 -5.08 3.04
H5'' 5CM D 7 -7.12 -5.40 2.32
P DNR A 5 -10.69 8.31 -2.25
OP1 DNR A 5 -11.45 8.45 -0.95
OP2 DNR A 5 -9.79 9.51 -2.39
O5' DNR A 5 -9.89 6.89 -2.39
C5' DNR A 5 -10.58 5.69 -1.97
C4' DNR A 5 -9.64 4.46 -1.83
O4' DNR A 5 -9.16 3.96 -3.09
C1' DNR A 5 -8.07 3.05 -2.82
N1 DNR A 5 -7.21 2.87 -4.03
C6 DNR A 5 -6.74 4.00 -4.72
C2 DNR A 5 -6.84 1.59 -4.46
O2 DNR A 5 -7.21 0.56 -3.92
N3 DNR A 5 -5.99 1.50 -5.60
C4 DNR A 5 -5.53 2.57 -6.25
N4 DNR A 5 -4.74 2.37 -7.32
C5 DNR A 5 -5.87 3.91 -5.87
C2' DNR A 5 -7.37 3.65 -1.57
C3' DNR A 5 -8.36 4.69 -1.00
O3' DNR A 5 -8.66 4.45 0.38
H5' DNR A 5 -11.05 5.87 -0.98
H5'' DNR A 5 -11.40 5.46 -2.67
H4' DNR A 5 -10.22 3.66 -1.36
H1' DNR A 5 -8.53 2.08 -2.54
H6 DNR A 5 -7.09 4.96 -4.33
HN3 DNR A 5 -5.66 0.62 -5.99
H41 DNR A 5 -4.14 1.52 -7.42
H42 DNR A 5 -4.24 3.14 -7.77
H5 DNR A 5 -5.51 4.78 -6.41
H2' DNR A 5 -7.15 2.86 -0.84
H2'' DNR A 5 -6.42 4.13 -1.84
H3' DNR A 5 -7.97 5.71 -1.18
C2 U48 A 7 1.56 0.42 4.85
O2 U48 A 7 1.60 -0.79 4.93
C4 U48 A 7 2.60 2.44 3.94
C5 U48 A 7 1.64 3.32 4.58
C6 U48 A 7 0.64 2.63 5.35
OP1 U48 A 7 -5.89 2.62 7.37
P U48 A 7 -5.30 3.05 6.04
OP2 U48 A 7 -6.07 4.25 5.55
O5' U48 A 7 -3.69 3.35 6.11
C5' U48 A 7 -2.90 2.84 7.21
C4' U48 A 7 -2.63 1.31 7.08
O4' U48 A 7 -1.78 1.09 5.92
C3' U48 A 7 -1.83 0.78 8.29
O3' U48 A 7 -2.18 -0.59 8.57
C2' U48 A 7 -0.37 0.87 7.82
C1' U48 A 7 -0.47 0.60 6.30
N1 U48 A 7 0.59 1.22 5.47
C5M U48 A 7 1.66 4.83 4.43
N4 U48 A 7 3.60 2.91 3.16
N3 U48 A 7 2.52 1.08 4.10
H6 U48 A 7 -0.17 3.17 5.84
H5' U48 A 7 -3.41 3.06 8.16
H5'' U48 A 7 -1.96 3.39 7.25
H4' U48 A 7 -3.58 0.76 6.97
H3' U48 A 7 -2.00 1.38 9.19
H3T U48 A 7 -1.79 -0.82 9.47
H2' U48 A 7 0.03 1.86 8.02
H2'' U48 A 7 0.28 0.14 8.32
H1' U48 A 7 -0.47 -0.49 6.17
H53 U48 A 7 0.84 5.30 4.99
H51 U48 A 7 1.55 5.11 3.38
H52 U48 A 7 2.61 5.25 4.80
H41 U48 A 7 3.63 3.88 2.81
H42 U48 A 7 4.19 2.31 2.58
H3 U48 A 7 3.19 0.49 3.62
P DNR B 6 2.26 -2.86 -9.74
OP1 DNR B 6 2.06 -2.40 -11.15
OP2 DNR B 6 2.87 -4.24 -9.73
O5' DNR B 6 3.09 -1.78 -8.84
C5' DNR B 6 3.92 -2.25 -7.76
C4' DNR B 6 3.98 -1.15 -6.66
O4' DNR B 6 2.78 -1.25 -5.87
C1' DNR B 6 3.04 -0.83 -4.52
N1 DNR B 6 1.98 -1.36 -3.63
C6 DNR B 6 1.74 -2.76 -3.59
C2 DNR B 6 1.14 -0.50 -2.93
O2 DNR B 6 1.27 0.72 -2.94
N3 DNR B 6 0.10 -1.07 -2.16
C4 DNR B 6 -0.12 -2.38 -2.09
N4 DNR B 6 -1.14 -2.85 -1.34
C5 DNR B 6 0.68 -3.33 -2.80
C2' DNR B 6 4.49 -1.35 -4.27
C3' DNR B 6 5.15 -1.30 -5.66
O3' DNR B 6 5.97 -0.11 -5.78
H5' DNR B 6 3.52 -3.18 -7.33
H5'' DNR B 6 4.92 -2.46 -8.16
H4' DNR B 6 4.02 -0.17 -7.14
H1' DNR B 6 3.06 0.26 -4.51
H6 DNR B 6 2.40 -3.36 -4.21
HN3 DNR B 6 -0.58 -0.53 -1.62
H41 DNR B 6 -1.15 -3.78 -0.92
H42 DNR B 6 -1.71 -2.23 -0.73
H5 DNR B 6 0.50 -4.41 -2.76
H2' DNR B 6 4.49 -2.37 -3.89
H2'' DNR B 6 5.01 -0.72 -3.53
H3' DNR B 6 5.73 -2.21 -5.85
N1 5CM B 7 5.84 -1.16 1.20
C2 5CM B 7 5.02 -0.43 2.06
N3 5CM B 7 4.12 -1.11 2.92
C4 5CM B 7 4.08 -2.43 2.91
C5 5CM B 7 4.83 -3.28 2.00
C5A 5CM B 7 4.69 -4.79 1.92
C6 5CM B 7 5.73 -2.57 1.13
O2 5CM B 7 5.03 0.78 2.14
N4 5CM B 7 3.19 -2.94 3.77
C1' 5CM B 7 6.95 -0.48 0.50
C2' 5CM B 7 8.38 -1.03 0.76
C3' 5CM B 7 9.13 -0.84 -0.55
C4' 5CM B 7 8.08 -0.26 -1.53
O4' 5CM B 7 6.81 -0.59 -0.93
O3' 5CM B 7 10.23 0.06 -0.35
C5' 5CM B 7 8.15 -0.82 -2.97
O5' 5CM B 7 7.56 0.14 -3.87
P 5CM B 7 7.57 -0.19 -5.48
OP1 5CM B 7 8.31 0.88 -6.25
OP2 5CM B 7 8.19 -1.53 -5.82
H5A1 5CM B 7 3.67 -5.07 1.65
H5A2 5CM B 7 4.90 -5.25 2.89
H5A3 5CM B 7 5.38 -5.22 1.18
H6 5CM B 7 6.34 -3.06 0.37
HN41 5CM B 7 2.61 -2.25 4.27
HN42 5CM B 7 2.58 -3.69 3.47
H1' 5CM B 7 6.97 0.59 0.72
H2' 5CM B 7 8.36 -2.10 1.03
H2'' 5CM B 7 8.85 -0.51 1.60
H3' 5CM B 7 9.50 -1.81 -0.92
H4' 5CM B 7 8.19 0.85 -1.55
HO3' 5CM B 7 10.73 0.15 -1.22
H5' 5CM B 7 7.63 -1.79 -3.03
H5'' 5CM B 7 9.20 -0.98 -3.26
P DNR C 5 9.59 7.78 3.69
OP1 DNR C 5 10.52 8.37 2.65
OP2 DNR C 5 8.46 8.75 3.91
O5' DNR C 5 9.09 6.27 3.35
C5' DNR C 5 10.06 5.34 2.83
C4' DNR C 5 9.42 3.99 2.43
O4' DNR C 5 8.89 3.31 3.61
C1' DNR C 5 7.78 2.49 3.19
N1 DNR C 5 6.99 2.00 4.35
C6 DNR C 5 6.22 2.91 5.12
C2 DNR C 5 6.85 0.63 4.58
O2 DNR C 5 7.50 -0.22 3.99
N3 DNR C 5 5.88 0.20 5.54
C4 DNR C 5 5.12 1.05 6.22
N4 DNR C 5 4.23 0.55 7.11
C5 DNR C 5 5.25 2.47 6.08
C2' DNR C 5 7.07 3.40 2.17
C3' DNR C 5 8.22 4.10 1.45
O3' DNR C 5 8.47 3.37 0.22
H5' DNR C 5 10.56 5.77 1.96
H5'' DNR C 5 10.85 5.16 3.59
H4' DNR C 5 10.19 3.35 1.99
H1' DNR C 5 8.20 1.64 2.64
H6 DNR C 5 6.44 3.97 4.94
HN3 DNR C 5 5.71 -0.78 5.76
H41 DNR C 5 4.22 0.92 8.06
H42 DNR C 5 4.11 -0.47 7.21
H5 DNR C 5 4.64 3.16 6.67
H2' DNR C 5 6.44 4.15 2.66
H2'' DNR C 5 6.44 2.83 1.47
H3' DNR C 5 7.94 5.14 1.23
C2 U48 C 7 -0.77 1.02 -5.50
O2 U48 C 7 -0.50 -0.15 -5.64
C4 U48 C 7 -2.32 2.66 -4.54
C5 U48 C 7 -1.56 3.80 -5.03
C6 U48 C 7 -0.38 3.43 -5.76
OP1 U48 C 7 6.13 5.06 -7.29
P U48 C 7 5.43 5.19 -5.95
OP2 U48 C 7 5.92 6.43 -5.27
O5' U48 C 7 3.79 5.19 -6.08
C5' U48 C 7 3.15 4.66 -7.27
C4' U48 C 7 3.20 3.11 -7.32
O4' U48 C 7 2.35 2.58 -6.26
C3' U48 C 7 2.59 2.58 -8.64
O3' U48 C 7 3.32 1.43 -9.11
C2' U48 C 7 1.15 2.19 -8.28
C1' U48 C 7 1.23 1.81 -6.79
N1 U48 C 7 0.00 2.09 -5.99
C5M U48 C 7 -1.95 5.24 -4.78
N4 U48 C 7 -3.43 2.83 -3.77
N3 U48 C 7 -1.92 1.37 -4.79
H6 U48 C 7 0.29 4.17 -6.17
H5' U48 C 7 3.63 5.09 -8.16
H5'' U48 C 7 2.12 5.01 -7.28
H4' U48 C 7 4.23 2.75 -7.20
H3' U48 C 7 2.59 3.34 -9.43
H3T U48 C 7 2.92 1.14 -9.98
H2' U48 C 7 0.49 3.06 -8.43
H2'' U48 C 7 0.77 1.37 -8.88
H1' U48 C 7 1.50 0.76 -6.73
H53 U48 C 7 -1.96 5.45 -3.70
H51 U48 C 7 -2.96 5.44 -5.17
H52 U48 C 7 -1.24 5.93 -5.25
H41 U48 C 7 -3.66 3.73 -3.34
H42 U48 C 7 -3.83 2.07 -3.20
H3 U48 C 7 -2.46 0.61 -4.41
P DNR D 6 -1.30 -5.93 7.90
OP1 DNR D 6 -1.88 -5.60 9.25
OP2 DNR D 6 -1.60 -7.39 7.59
O5' DNR D 6 -1.80 -4.94 6.71
C5' DNR D 6 -2.09 -3.57 7.06
C4' DNR D 6 -2.42 -2.72 5.83
O4' DNR D 6 -1.26 -2.57 4.98
C1' DNR D 6 -1.72 -2.15 3.68
N1 DNR D 6 -0.63 -2.24 2.70
C6 DNR D 6 -0.11 -3.50 2.31
C2 DNR D 6 -0.06 -1.08 2.15
O2 DNR D 6 -0.44 0.04 2.46
N3 DNR D 6 0.99 -1.22 1.21
C4 DNR D 6 1.46 -2.40 0.82
N4 DNR D 6 2.45 -2.43 -0.10
C5 DNR D 6 0.95 -3.64 1.34
C2' DNR D 6 -2.99 -3.01 3.47
C3' DNR D 6 -3.55 -3.23 4.90
O3' DNR D 6 -4.72 -2.41 5.10
H5' DNR D 6 -1.23 -3.14 7.59
H5'' DNR D 6 -2.95 -3.55 7.77
H4' DNR D 6 -2.70 -1.71 6.19
H1' DNR D 6 -2.06 -1.11 3.78
H6 DNR D 6 -0.55 -4.37 2.81
HN3 DNR D 6 1.45 -0.42 0.78
H41 DNR D 6 3.10 -3.22 -0.15
H42 DNR D 6 3.00 -1.58 -0.32
H5 DNR D 6 1.34 -4.60 1.02
H2' DNR D 6 -2.76 -3.99 3.02
H2'' DNR D 6 -3.70 -2.52 2.81
H3' DNR D 6 -3.76 -4.29 5.09
N1 5CM D 7 -4.95 -1.64 -2.10
C2 5CM D 7 -4.19 -0.65 -2.73
N3 5CM D 7 -3.17 -1.01 -3.64
C4 5CM D 7 -2.96 -2.29 -3.90
C5 5CM D 7 -3.66 -3.40 -3.29
C5A 5CM D 7 -3.36 -4.86 -3.57
C6 5CM D 7 -4.69 -3.01 -2.36
O2 5CM D 7 -4.37 0.54 -2.54
N4 5CM D 7 -1.97 -2.50 -4.78
C1' 5CM D 7 -6.03 -1.29 -1.16
C2' 5CM D 7 -7.44 -1.85 -1.51
C3' 5CM D 7 -7.98 -2.47 -0.20
C4' 5CM D 7 -6.98 -1.98 0.87
O4' 5CM D 7 -5.75 -1.83 0.14
O3' 5CM D 7 -9.31 -2.00 0.05
C5' 5CM D 7 -6.78 -2.95 2.06
O5' 5CM D 7 -6.33 -2.18 3.20
P 5CM D 7 -6.19 -2.93 4.65
OP1 5CM D 7 -7.25 -2.45 5.61
OP2 5CM D 7 -6.30 -4.44 4.55
H5A1 5CM D 7 -4.04 -5.53 -3.01
H5A2 5CM D 7 -2.33 -5.11 -3.30
H5A3 5CM D 7 -3.48 -5.07 -4.64
H6 5CM D 7 -5.28 -3.73 -1.79
HN41 5CM D 7 -1.40 -1.69 -5.06
HN42 5CM D 7 -1.35 -3.29 -4.63
H1' 5CM D 7 -6.13 -0.20 -1.04
H2' 5CM D 7 -7.40 -2.60 -2.30
H2'' 5CM D 7 -8.09 -1.04 -1.87
H3' 5CM D 7 -7.96 -3.56 -0.28
H4' 5CM D 7 -7.31 -1.00 1.24
HO3' 5CM D 7 -9.69 -2.52 0.82
H5' 5CM D 7 -7.73 -3.44 2.30
H5'' 5CM D 7 -6.06 -3.73 1.81
P DNR A 5 -10.72 8.11 -2.51
OP1 DNR A 5 -11.31 7.69 -1.18
OP2 DNR A 5 -10.86 9.60 -2.62
O5' DNR A 5 -9.17 7.62 -2.74
C5' DNR A 5 -8.54 6.68 -1.84
C4' DNR A 5 -9.11 5.24 -1.98
O4' DNR A 5 -8.84 4.73 -3.31
C1' DNR A 5 -8.47 3.32 -3.27
N1 DNR A 5 -7.63 2.91 -4.44
C6 DNR A 5 -7.00 3.89 -5.25
C2 DNR A 5 -7.41 1.55 -4.68
O2 DNR A 5 -7.92 0.68 -3.99
N3 DNR A 5 -6.56 1.20 -5.76
C4 DNR A 5 -5.96 2.11 -6.53
N4 DNR A 5 -5.18 1.70 -7.55
C5 DNR A 5 -6.14 3.52 -6.35
C2' DNR A 5 -7.75 3.19 -1.91
C3' DNR A 5 -8.41 4.25 -1.01
O3' DNR A 5 -9.39 3.58 -0.18
H5' DNR A 5 -7.47 6.66 -2.08
H5'' DNR A 5 -8.64 7.05 -0.82
H4' DNR A 5 -10.19 5.23 -1.79
H1' DNR A 5 -9.39 2.74 -3.25
H6 DNR A 5 -7.19 4.93 -5.01
HN3 DNR A 5 -6.32 0.24 -6.01
H41 DNR A 5 -4.60 0.84 -7.47
H42 DNR A 5 -4.60 2.36 -8.05
H5 DNR A 5 -5.65 4.25 -6.98
H2' DNR A 5 -7.83 2.18 -1.51
H2'' DNR A 5 -6.68 3.42 -2.02
H3' DNR A 5 -7.63 4.72 -0.39
C2 U48 A 7 0.69 0.42 5.22
O2 U48 A 7 0.88 -0.78 5.16
C4 U48 A 7 1.48 2.66 4.62
C5 U48 A 7 0.35 3.31 5.25
C6 U48 A 7 -0.57 2.42 5.88
OP1 U48 A 7 -6.87 3.28 7.49
P U48 A 7 -5.95 3.10 6.30
OP2 U48 A 7 -5.63 4.46 5.75
O5' U48 A 7 -4.60 2.25 6.66
C5' U48 A 7 -4.76 1.02 7.41
C4' U48 A 7 -3.38 0.40 7.74
O4' U48 A 7 -2.57 0.27 6.55
C3' U48 A 7 -2.49 1.22 8.71
O3' U48 A 7 -2.82 0.96 10.08
C2' U48 A 7 -1.09 0.70 8.36
C1' U48 A 7 -1.17 0.20 6.89
N1 U48 A 7 -0.37 1.01 5.92
C5M U48 A 7 0.13 4.81 5.23
N4 U48 A 7 2.46 3.35 3.98
N3 U48 A 7 1.59 1.28 4.61
H6 U48 A 7 -1.49 2.77 6.35
H5' U48 A 7 -5.34 0.31 6.83
H5'' U48 A 7 -5.30 1.22 8.35
H4' U48 A 7 -3.53 -0.59 8.19
H3' U48 A 7 -2.57 2.28 8.48
H3T U48 A 7 -2.25 1.57 10.65
H2' U48 A 7 -0.33 1.48 8.49
H2'' U48 A 7 -0.80 -0.14 9.00
H1' U48 A 7 -0.87 -0.85 6.86
H53 U48 A 7 0.07 5.17 4.18
H51 U48 A 7 0.97 5.33 5.71
H52 U48 A 7 -0.79 5.10 5.74
H41 U48 A 7 2.45 4.36 3.83
H42 U48 A 7 3.22 2.91 3.44
H3 U48 A 7 2.37 0.85 4.16
P DNR B 6 2.82 -3.79 -8.17
OP1 DNR B 6 2.91 -3.83 -9.66
OP2 DNR B 6 3.29 -5.12 -7.61
O5' DNR B 6 3.60 -2.51 -7.54
C5' DNR B 6 4.09 -2.57 -6.18
C4' DNR B 6 3.82 -1.21 -5.51
O4' DNR B 6 2.45 -1.19 -5.01
C1' DNR B 6 2.36 -0.51 -3.75
N1 DNR B 6 1.21 -1.06 -2.98
C6 DNR B 6 1.11 -2.46 -2.79
C2 DNR B 6 0.25 -0.22 -2.40
O2 DNR B 6 0.27 1.00 -2.54
N3 DNR B 6 -0.76 -0.82 -1.61
C4 DNR B 6 -0.84 -2.13 -1.40
N4 DNR B 6 -1.81 -2.62 -0.60
C5 DNR B 6 0.09 -3.05 -1.98
C2' DNR B 6 3.74 -0.72 -3.10
C3' DNR B 6 4.71 -0.93 -4.26
O3' DNR B 6 5.42 0.30 -4.51
H5' DNR B 6 3.59 -3.38 -5.61
H5'' DNR B 6 5.16 -2.79 -6.21
H4' DNR B 6 3.94 -0.42 -6.24
H1' DNR B 6 2.23 0.56 -3.95
H6 DNR B 6 1.87 -3.05 -3.32
HN3 DNR B 6 -1.50 -0.28 -1.14
H41 DNR B 6 -2.56 -2.01 -0.24
H42 DNR B 6 -2.24 -3.52 -0.80
H5 DNR B 6 0.02 -4.13 -1.82
H2' DNR B 6 3.74 -1.61 -2.46
H2'' DNR B 6 4.02 0.14 -2.47
H3' DNR B 6 5.39 -1.76 -4.04
N1 5CM B 7 5.42 -0.04 1.67
C2 5CM B 7 4.50 0.50 2.58
N3 5CM B 7 3.71 -0.35 3.39
C4 5CM B 7 3.86 -1.66 3.29
C5 5CM B 7 4.72 -2.33 2.34
C5A 5CM B 7 4.80 -3.84 2.18
C6 5CM B 7 5.50 -1.45 1.51
O2 5CM B 7 4.34 1.70 2.74
N4 5CM B 7 3.07 -2.35 4.12
C1' 5CM B 7 6.39 0.86 1.01
C2' 5CM B 7 7.84 0.39 0.79
C3' 5CM B 7 8.38 1.38 -0.25
C4' 5CM B 7 7.10 1.97 -0.90
O4' 5CM B 7 5.99 1.24 -0.31
O3' 5CM B 7 9.14 2.40 0.42
C5' 5CM B 7 7.04 1.91 -2.45
O5' 5CM B 7 7.22 0.56 -2.91
P 5CM B 7 7.05 0.29 -4.51
OP1 5CM B 7 7.61 1.39 -5.38
OP2 5CM B 7 7.65 -1.03 -4.94
H5A1 5CM B 7 5.53 -4.13 1.41
H5A2 5CM B 7 3.82 -4.24 1.89
H5A3 5CM B 7 5.09 -4.32 3.12
H6 5CM B 7 6.14 -1.82 0.71
HN41 5CM B 7 2.28 -1.84 4.53
HN42 5CM B 7 2.71 -3.25 3.81
H1' 5CM B 7 6.46 1.78 1.60
H2' 5CM B 7 7.90 -0.62 0.37
H2'' 5CM B 7 8.42 0.40 1.72
H3' 5CM B 7 9.02 0.86 -0.98
H4' 5CM B 7 7.00 3.03 -0.60
HO3' 5CM B 7 9.63 2.92 -0.28
H5' 5CM B 7 7.82 2.57 -2.87
H5'' 5CM B 7 6.07 2.30 -2.78
P DNR C 5 9.46 9.10 4.07
OP1 DNR C 5 10.09 9.81 2.89
OP2 DNR C 5 8.54 10.07 4.76
O5' DNR C 5 8.75 7.68 3.67
C5' DNR C 5 9.46 6.82 2.77
C4' DNR C 5 8.68 5.51 2.50
O4' DNR C 5 8.53 4.73 3.71
C1' DNR C 5 7.43 3.83 3.54
N1 DNR C 5 6.96 3.28 4.83
C6 DNR C 5 6.53 4.18 5.84
C2 DNR C 5 6.83 1.91 5.04
O2 DNR C 5 7.16 1.06 4.21
N3 DNR C 5 6.26 1.47 6.26
C4 DNR C 5 5.84 2.30 7.20
N4 DNR C 5 5.32 1.78 8.34
C5 DNR C 5 5.95 3.72 7.09
C2' DNR C 5 6.40 4.67 2.75
C3' DNR C 5 7.24 5.67 1.94
O3' DNR C 5 7.18 5.22 0.55
H5' DNR C 5 9.65 7.34 1.83
H5'' DNR C 5 10.44 6.57 3.20
H4' DNR C 5 9.26 4.91 1.79
H1' DNR C 5 7.80 3.02 2.89
H6 DNR C 5 6.70 5.23 5.63
HN3 DNR C 5 6.10 0.48 6.51
H41 DNR C 5 4.82 0.87 8.33
H42 DNR C 5 4.79 2.36 9.00
H5 DNR C 5 5.63 4.40 7.87
H2' DNR C 5 5.75 5.23 3.43
H2'' DNR C 5 5.77 4.04 2.12
H3' DNR C 5 6.85 6.68 2.04
C2 U48 C 7 -1.52 0.59 -5.15
O2 U48 C 7 -1.28 -0.61 -5.19
C4 U48 C 7 -3.01 2.36 -4.35
C5 U48 C 7 -2.20 3.41 -4.92
C6 U48 C 7 -1.04 2.95 -5.62
OP1 U48 C 7 5.67 5.52 -5.06
P U48 C 7 4.23 5.39 -5.45
OP2 U48 C 7 3.98 6.40 -6.54
O5' U48 C 7 3.82 3.88 -5.89
C5' U48 C 7 2.89 3.71 -6.99
C4' U48 C 7 2.56 2.21 -7.13
O4' U48 C 7 1.63 1.85 -6.06
C3' U48 C 7 1.84 1.84 -8.46
O3' U48 C 7 2.41 0.65 -9.02
C2' U48 C 7 0.38 1.58 -8.05
C1' U48 C 7 0.46 1.18 -6.57
N1 U48 C 7 -0.72 1.56 -5.75
C5M U48 C 7 -2.53 4.88 -4.78
N4 U48 C 7 -4.13 2.63 -3.64
N3 U48 C 7 -2.64 1.03 -4.47
H6 U48 C 7 -0.32 3.63 -6.06
H5' U48 C 7 3.36 4.08 -7.91
H5'' U48 C 7 1.97 4.29 -6.81
H4' U48 C 7 3.49 1.63 -7.03
H3' U48 C 7 1.92 2.65 -9.19
H3T U48 C 7 2.02 0.53 -9.93
H2' U48 C 7 -0.20 2.51 -8.19
H2'' U48 C 7 -0.09 0.81 -8.67
H1' U48 C 7 0.65 0.09 -6.52
H53 U48 C 7 -3.51 5.10 -5.20
H51 U48 C 7 -1.79 5.51 -5.30
H52 U48 C 7 -2.54 5.18 -3.72
H41 U48 C 7 -4.31 3.55 -3.25
H42 U48 C 7 -4.58 1.92 -3.02
H3 U48 C 7 -3.21 0.32 -4.03
P DNR D 6 -1.48 -3.81 9.50
OP1 DNR D 6 -1.82 -3.17 10.83
OP2 DNR D 6 -1.74 -5.30 9.62
O5' DNR D 6 -2.27 -3.09 8.27
C5' DNR D 6 -2.94 -3.90 7.28
C4' DNR D 6 -3.36 -3.00 6.11
O4' DNR D 6 -2.22 -2.63 5.33
C1' DNR D 6 -2.66 -2.19 4.04
N1 DNR D 6 -1.51 -2.10 3.11
C6 DNR D 6 -0.76 -3.25 2.79
C2 DNR D 6 -1.09 -0.85 2.63
O2 DNR D 6 -1.67 0.19 2.89
N3 DNR D 6 0.08 -0.81 1.82
C4 DNR D 6 0.78 -1.89 1.51
N4 DNR D 6 1.88 -1.75 0.74
C5 DNR D 6 0.42 -3.20 1.96
C2' DNR D 6 -3.80 -3.19 3.71
C3' DNR D 6 -4.35 -3.62 5.09
O3' DNR D 6 -5.64 -3.04 5.33
H5' DNR D 6 -3.81 -4.38 7.74
H5'' DNR D 6 -2.28 -4.70 6.91
H4' DNR D 6 -3.82 -2.09 6.52
H1' DNR D 6 -3.12 -1.20 4.18
H6 DNR D 6 -1.11 -4.18 3.24
HN3 DNR D 6 0.46 0.05 1.44
H41 DNR D 6 2.30 -2.51 0.22
H42 DNR D 6 2.18 -0.85 0.33
H5 DNR D 6 1.00 -4.09 1.72
H2' DNR D 6 -3.43 -4.06 3.16
H2'' DNR D 6 -4.57 -2.71 3.08
H3' DNR D 6 -4.37 -4.71 5.18
N1 5CM D 7 -5.85 -1.67 -1.67
C2 5CM D 7 -5.04 -0.75 -2.35
N3 5CM D 7 -3.98 -1.21 -3.18
C4 5CM D 7 -3.78 -2.52 -3.30
C5 5CM D 7 -4.57 -3.55 -2.66
C5A 5CM D 7 -4.30 -5.04 -2.82
C6 5CM D 7 -5.62 -3.06 -1.82
O2 5CM D 7 -5.21 0.46 -2.28
N4 5CM D 7 -2.69 -2.83 -4.02
C1' 5CM D 7 -6.91 -1.21 -0.75
C2' 5CM D 7 -8.34 -1.65 -1.15
C3' 5CM D 7 -8.85 -2.52 0.01
C4' 5CM D 7 -7.92 -2.15 1.18
O4' 5CM D 7 -6.68 -1.80 0.55
O3' 5CM D 7 -10.21 -2.23 0.31
C5' 5CM D 7 -7.70 -3.28 2.20
O5' 5CM D 7 -7.25 -2.72 3.45
P 5CM D 7 -6.99 -3.73 4.71
OP1 5CM D 7 -8.13 -3.64 5.70
OP2 5CM D 7 -6.82 -5.16 4.31
H5A1 5CM D 7 -4.99 -5.63 -2.20
H5A2 5CM D 7 -3.27 -5.28 -2.51
H5A3 5CM D 7 -4.42 -5.34 -3.86
H6 5CM D 7 -6.28 -3.71 -1.25
HN41 5CM D 7 -2.72 -3.65 -4.60
HN42 5CM D 7 -2.20 -2.08 -4.52
H1' 5CM D 7 -6.90 -0.12 -0.64
H2' 5CM D 7 -8.35 -2.20 -2.10
H2'' 5CM D 7 -8.97 -0.76 -1.28
H3' 5CM D 7 -8.71 -3.59 -0.24
H4' 5CM D 7 -8.33 -1.25 1.69
HO3' 5CM D 7 -10.78 -2.57 -0.45
H5' 5CM D 7 -8.64 -3.82 2.37
H5'' 5CM D 7 -6.96 -4.00 1.81
P DNR A 5 -8.40 7.51 -0.74
OP1 DNR A 5 -9.04 7.08 0.54
OP2 DNR A 5 -8.11 8.98 -0.64
O5' DNR A 5 -7.05 6.67 -1.14
C5' DNR A 5 -6.68 5.45 -0.44
C4' DNR A 5 -7.58 4.24 -0.81
O4' DNR A 5 -7.40 3.92 -2.22
C1' DNR A 5 -7.36 2.48 -2.44
N1 DNR A 5 -6.64 2.10 -3.69
C6 DNR A 5 -5.82 3.03 -4.38
C2 DNR A 5 -6.73 0.79 -4.17
O2 DNR A 5 -7.41 -0.06 -3.61
N3 DNR A 5 -6.01 0.46 -5.35
C4 DNR A 5 -5.27 1.34 -6.02
N4 DNR A 5 -4.65 0.97 -7.16
C5 DNR A 5 -5.11 2.71 -5.58
C2' DNR A 5 -6.70 1.97 -1.15
C3' DNR A 5 -7.16 2.94 -0.06
O3' DNR A 5 -8.29 2.36 0.62
H5' DNR A 5 -5.65 5.22 -0.70
H5'' DNR A 5 -6.70 5.63 0.64
H4' DNR A 5 -8.63 4.46 -0.62
H1' DNR A 5 -8.39 2.11 -2.48
H6 DNR A 5 -5.77 4.04 -3.94
HN3 DNR A 5 -6.00 -0.46 -5.79
H41 DNR A 5 -4.33 0.01 -7.35
H42 DNR A 5 -4.06 1.60 -7.69
H5 DNR A 5 -4.51 3.42 -6.13
H2' DNR A 5 -6.99 0.93 -0.93
H2'' DNR A 5 -5.60 2.00 -1.24
H3' DNR A 5 -6.33 3.12 0.65
C2 U48 A 7 1.41 -2.18 5.14
O2 U48 A 7 1.53 -3.35 4.84
C4 U48 A 7 2.25 0.11 4.86
C5 U48 A 7 1.25 0.66 5.74
C6 U48 A 7 0.35 -0.30 6.31
OP1 U48 A 7 -5.96 0.40 8.20
P U48 A 7 -5.11 0.42 6.94
OP2 U48 A 7 -4.77 1.85 6.64
O5' U48 A 7 -3.77 -0.51 7.08
C5' U48 A 7 -3.92 -1.85 7.59
C4' U48 A 7 -2.55 -2.54 7.77
O4' U48 A 7 -1.76 -2.45 6.56
C3' U48 A 7 -1.62 -1.96 8.86
O3' U48 A 7 -1.93 -2.45 10.17
C2' U48 A 7 -0.24 -2.44 8.39
C1' U48 A 7 -0.36 -2.64 6.85
N1 U48 A 7 0.46 -1.69 6.05
C5M U48 A 7 1.13 2.15 6.04
N4 U48 A 7 3.15 0.88 4.21
N3 U48 A 7 2.27 -1.25 4.58
H6 U48 A 7 -0.48 -0.02 6.95
H5' U48 A 7 -4.54 -2.45 6.89
H5'' U48 A 7 -4.45 -1.83 8.55
H4' U48 A 7 -2.71 -3.60 8.01
H3' U48 A 7 -1.66 -0.86 8.84
H3T U48 A 7 -2.73 -1.97 10.51
H2' U48 A 7 0.54 -1.72 8.67
H2'' U48 A 7 0.01 -3.40 8.87
H1' U48 A 7 -0.10 -3.68 6.63
H53 U48 A 7 2.06 2.53 6.50
H51 U48 A 7 0.31 2.36 6.73
H52 U48 A 7 0.95 2.71 5.12
H41 U48 A 7 3.11 1.90 4.21
H42 U48 A 7 3.70 0.55 3.40
H3 U48 A 7 2.96 -1.60 3.95
P DNR B 6 1.81 -4.10 -10.16
OP1 DNR B 6 2.27 -3.43 -11.43
OP2 DNR B 6 2.47 -5.46 -10.10
O5' DNR B 6 2.07 -3.16 -8.85
C5' DNR B 6 2.86 -3.68 -7.76
C4' DNR B 6 2.99 -2.58 -6.69
O4' DNR B 6 1.80 -2.57 -5.86
C1' DNR B 6 2.10 -2.13 -4.52
N1 DNR B 6 1.08 -2.69 -3.60
C6 DNR B 6 0.87 -4.08 -3.58
C2 DNR B 6 0.29 -1.85 -2.80
O2 DNR B 6 0.42 -0.63 -2.77
N3 DNR B 6 -0.69 -2.47 -1.99
C4 DNR B 6 -0.89 -3.79 -1.95
N4 DNR B 6 -1.87 -4.30 -1.17
C5 DNR B 6 -0.12 -4.70 -2.75
C2' DNR B 6 3.55 -2.60 -4.29
C3' DNR B 6 4.17 -2.71 -5.70
O3' DNR B 6 5.07 -1.59 -5.92
H5' DNR B 6 2.40 -4.58 -7.34
H5'' DNR B 6 3.86 -3.95 -8.14
H4' DNR B 6 3.06 -1.61 -7.20
H1' DNR B 6 2.10 -1.02 -4.53
H6 DNR B 6 1.50 -4.66 -4.26
HN3 DNR B 6 -1.33 -1.95 -1.37
H41 DNR B 6 -1.92 -5.29 -0.93
H42 DNR B 6 -2.38 -3.74 -0.47
H5 DNR B 6 -0.29 -5.78 -2.73
H2' DNR B 6 3.58 -3.58 -3.80
H2'' DNR B 6 4.08 -1.90 -3.65
H3' DNR B 6 4.69 -3.68 -5.84
N1 5CM B 7 5.45 -1.90 0.69
C2 5CM B 7 4.71 -1.50 1.82
N3 5CM B 7 4.02 -2.48 2.59
C4 5CM B 7 4.12 -3.76 2.26
C5 5CM B 7 4.83 -4.27 1.09
C5A 5CM B 7 4.87 -5.74 0.70
C6 5CM B 7 5.47 -3.26 0.31
O2 5CM B 7 4.61 -0.35 2.19
N4 5CM B 7 3.44 -4.58 3.07
C1' 5CM B 7 6.29 -0.90 -0.02
C2' 5CM B 7 7.73 -1.29 -0.41
C3' 5CM B 7 8.08 -0.30 -1.52
C4' 5CM B 7 6.71 0.21 -2.03
O4' 5CM B 7 5.71 -0.53 -1.28
O3' 5CM B 7 8.85 0.76 -0.96
C5' 5CM B 7 6.47 0.04 -3.55
O5' 5CM B 7 6.61 -1.35 -3.94
P 5CM B 7 6.66 -1.73 -5.53
OP1 5CM B 7 7.47 -0.76 -6.35
OP2 5CM B 7 7.20 -3.12 -5.74
H5A1 5CM B 7 5.33 -6.33 1.51
H5A2 5CM B 7 5.46 -5.88 -0.21
H5A3 5CM B 7 3.87 -6.12 0.52
H6 5CM B 7 6.00 -3.48 -0.63
HN41 5CM B 7 2.71 -4.19 3.66
HN42 5CM B 7 3.10 -5.48 2.70
H1' 5CM B 7 6.36 0.01 0.58
H2' 5CM B 7 7.79 -2.30 -0.80
H2'' 5CM B 7 8.41 -1.22 0.46
H3' 5CM B 7 8.65 -0.81 -2.31
H4' 5CM B 7 6.60 1.28 -1.78
HO3' 5CM B 7 9.10 1.40 -1.70
H5' 5CM B 7 7.19 0.66 -4.11
H5'' 5CM B 7 5.46 0.40 -3.83
P DNR C 5 8.37 7.67 3.13
OP1 DNR C 5 9.13 8.39 2.05
OP2 DNR C 5 7.11 8.44 3.43
O5' DNR C 5 8.06 6.09 2.82
C5' DNR C 5 9.07 5.36 2.07
C4' DNR C 5 8.55 3.96 1.66
O4' DNR C 5 8.49 3.09 2.82
C1' DNR C 5 7.48 2.09 2.60
N1 DNR C 5 7.06 1.46 3.89
C6 DNR C 5 6.49 2.27 4.89
C2 DNR C 5 7.06 0.07 4.05
O2 DNR C 5 7.57 -0.70 3.23
N3 DNR C 5 6.45 -0.46 5.20
C4 DNR C 5 5.86 0.29 6.13
N4 DNR C 5 5.29 -0.31 7.19
C5 DNR C 5 5.85 1.72 6.07
C2' DNR C 5 6.37 2.86 1.85
C3' DNR C 5 7.13 3.91 1.02
O3' DNR C 5 7.17 3.41 -0.33
H5' DNR C 5 9.33 5.92 1.16
H5'' DNR C 5 9.98 5.27 2.66
H4' DNR C 5 9.27 3.51 0.96
H1' DNR C 5 7.90 1.33 1.92
H6 DNR C 5 6.60 3.35 4.73
HN3 DNR C 5 6.36 -1.46 5.40
H41 DNR C 5 4.81 -1.22 7.06
H42 DNR C 5 4.68 0.23 7.81
H5 DNR C 5 5.41 2.35 6.83
H2' DNR C 5 5.70 3.38 2.54
H2'' DNR C 5 5.76 2.20 1.23
H3' DNR C 5 6.61 4.87 1.06
C2 U48 C 7 -0.99 -0.20 -5.75
O2 U48 C 7 -1.02 -1.34 -6.18
C4 U48 C 7 -1.99 1.43 -4.24
C5 U48 C 7 -1.02 2.45 -4.55
C6 U48 C 7 -0.05 2.05 -5.53
OP1 U48 C 7 4.78 4.96 -5.87
P U48 C 7 3.38 4.43 -5.73
OP2 U48 C 7 2.40 5.57 -5.56
O5' U48 C 7 2.95 3.45 -6.96
C5' U48 C 7 3.88 2.43 -7.38
C4' U48 C 7 3.08 1.20 -7.90
O4' U48 C 7 2.25 0.71 -6.82
C3' U48 C 7 2.14 1.52 -9.09
O3' U48 C 7 2.27 0.53 -10.13
C2' U48 C 7 0.73 1.42 -8.48
C1' U48 C 7 0.89 0.50 -7.26
N1 U48 C 7 -0.04 0.76 -6.14
C5M U48 C 7 -1.01 3.84 -3.93
N4 U48 C 7 -2.98 1.65 -3.34
N3 U48 C 7 -1.94 0.19 -4.83
H6 U48 C 7 0.77 2.70 -5.84
H5' U48 C 7 4.51 2.10 -6.54
H5'' U48 C 7 4.54 2.83 -8.15
H4' U48 C 7 3.80 0.43 -8.20
H3' U48 C 7 2.31 2.52 -9.50
H3T U48 C 7 3.09 0.76 -10.66
H2' U48 C 7 0.40 2.44 -8.18
H2'' U48 C 7 -0.01 1.03 -9.19
H1' U48 C 7 0.81 -0.54 -7.60
H53 U48 C 7 -1.93 4.36 -4.15
H51 U48 C 7 -0.17 4.44 -4.31
H52 U48 C 7 -0.91 3.76 -2.83
H41 U48 C 7 -2.89 2.37 -2.64
H42 U48 C 7 -3.53 0.87 -2.92
H3 U48 C 7 -2.60 -0.53 -4.54
P DNR D 6 -0.75 -6.97 8.24
OP1 DNR D 6 -0.62 -6.65 9.70
OP2 DNR D 6 -0.96 -8.46 8.07
O5' DNR D 6 -1.87 -6.07 7.48
C5' DNR D 6 -2.46 -6.60 6.27
C4' DNR D 6 -2.83 -5.40 5.38
O4' DNR D 6 -1.65 -4.92 4.69
C1' DNR D 6 -2.07 -4.19 3.53
N1 DNR D 6 -0.91 -3.95 2.63
C6 DNR D 6 -0.30 -5.04 1.96
C2 DNR D 6 -0.46 -2.65 2.38
O2 DNR D 6 -0.93 -1.68 2.96
N3 DNR D 6 0.54 -2.47 1.40
C4 DNR D 6 1.08 -3.47 0.72
N4 DNR D 6 2.00 -3.20 -0.23
C5 DNR D 6 0.72 -4.84 0.96
C2' DNR D 6 -3.25 -5.05 2.99
C3' DNR D 6 -3.87 -5.67 4.26
O3' DNR D 6 -5.07 -4.96 4.63
H5' DNR D 6 -3.35 -7.19 6.52
H5'' DNR D 6 -1.75 -7.24 5.73
H4' DNR D 6 -3.21 -4.59 6.01
H1' DNR D 6 -2.49 -3.24 3.88
H6 DNR D 6 -0.63 -6.03 2.27
HN3 DNR D 6 0.91 -1.55 1.14
H41 DNR D 6 2.77 -3.84 -0.42
H42 DNR D 6 2.39 -2.24 -0.33
H5 DNR D 6 1.18 -5.67 0.42
H2' DNR D 6 -2.91 -5.85 2.33
H2'' DNR D 6 -3.96 -4.44 2.44
H3' DNR D 6 -4.05 -6.75 4.15
N1 5CM D 7 -5.13 -2.76 -2.20
C2 5CM D 7 -4.36 -1.78 -2.83
N3 5CM D 7 -3.42 -2.14 -3.82
C4 5CM D 7 -3.29 -3.42 -4.16
C5 5CM D 7 -4.02 -4.51 -3.56
C5A 5CM D 7 -3.81 -5.98 -3.91
C6 5CM D 7 -4.98 -4.11 -2.56
O2 5CM D 7 -4.43 -0.59 -2.55
N4 5CM D 7 -2.36 -3.64 -5.09
C1' 5CM D 7 -6.16 -2.39 -1.20
C2' 5CM D 7 -7.61 -2.71 -1.64
C3' 5CM D 7 -8.14 -3.72 -0.60
C4' 5CM D 7 -7.20 -3.50 0.61
O4' 5CM D 7 -5.94 -3.16 0.00
O3' 5CM D 7 -9.50 -3.46 -0.26
C5' 5CM D 7 -7.04 -4.74 1.51
O5' 5CM D 7 -6.65 -4.30 2.83
P 5CM D 7 -6.52 -5.41 4.03
OP1 5CM D 7 -7.60 -5.22 5.06
OP2 5CM D 7 -6.57 -6.84 3.53
H5A1 5CM D 7 -4.50 -6.63 -3.35
H5A2 5CM D 7 -2.78 -6.28 -3.69
H5A3 5CM D 7 -3.98 -6.14 -4.98
H6 5CM D 7 -5.58 -4.83 -2.00
HN41 5CM D 7 -1.71 -4.42 -4.97
HN42 5CM D 7 -1.82 -2.85 -5.45
H1' 5CM D 7 -6.10 -1.34 -0.93
H2' 5CM D 7 -7.66 -3.11 -2.65
H2'' 5CM D 7 -8.20 -1.79 -1.61
H3' 5CM D 7 -8.01 -4.75 -0.99
H4' 5CM D 7 -7.57 -2.65 1.19
HO3' 5CM D 7 -10.06 -3.68 -1.06
H5' 5CM D 7 -7.99 -5.29 1.58
H5'' 5CM D 7 -6.29 -5.43 1.10
P DNR A 5 -9.27 7.89 -1.01
OP1 DNR A 5 -9.80 7.56 0.35
OP2 DNR A 5 -9.16 9.38 -1.11
O5' DNR A 5 -7.85 7.15 -1.38
C5' DNR A 5 -7.38 6.01 -0.62
C4' DNR A 5 -8.17 4.71 -0.92
O4' DNR A 5 -7.89 4.28 -2.30
C1' DNR A 5 -7.71 2.85 -2.37
N1 DNR A 5 -6.89 2.43 -3.54
C6 DNR A 5 -6.17 3.38 -4.30
C2 DNR A 5 -6.82 1.07 -3.90
O2 DNR A 5 -7.42 0.21 -3.28
N3 DNR A 5 -6.03 0.72 -5.03
C4 DNR A 5 -5.36 1.62 -5.75
N4 DNR A 5 -4.63 1.23 -6.82
C5 DNR A 5 -5.38 3.02 -5.45
C2' DNR A 5 -7.10 2.50 -1.00
C3' DNR A 5 -7.72 3.52 -0.04
O3' DNR A 5 -8.87 2.90 0.57
H5' DNR A 5 -6.32 5.85 -0.85
H5'' DNR A 5 -7.43 6.24 0.46
H4' DNR A 5 -9.25 4.88 -0.81
H1' DNR A 5 -8.71 2.38 -2.44
H6 DNR A 5 -6.23 4.42 -3.96
HN3 DNR A 5 -5.92 -0.25 -5.37
H41 DNR A 5 -4.50 0.24 -7.06
H42 DNR A 5 -4.74 1.72 -7.71
H5 DNR A 5 -4.82 3.74 -6.04
H2' DNR A 5 -7.29 1.47 -0.71
H2'' DNR A 5 -6.00 2.65 -1.04
H3' DNR A 5 -6.99 3.81 0.73
C2 U48 A 7 1.39 -0.30 5.51
O2 U48 A 7 1.43 -1.52 5.36
C4 U48 A 7 2.30 1.86 4.83
C5 U48 A 7 1.38 2.60 5.66
C6 U48 A 7 0.49 1.78 6.43
OP1 U48 A 7 -7.20 -1.64 7.57
P U48 A 7 -6.40 -0.54 6.92
OP2 U48 A 7 -6.93 0.77 7.43
O5' U48 A 7 -4.80 -0.77 7.16
C5' U48 A 7 -4.00 0.29 7.72
C4' U48 A 7 -2.60 -0.29 8.04
O4' U48 A 7 -1.75 -0.25 6.87
C3' U48 A 7 -1.79 0.47 9.09
O3' U48 A 7 -2.18 0.15 10.43
C2' U48 A 7 -0.35 0.01 8.77
C1' U48 A 7 -0.38 -0.42 7.28
N1 U48 A 7 0.51 0.36 6.38
C5M U48 A 7 1.35 4.12 5.73
N4 U48 A 7 3.18 2.49 4.00
N3 U48 A 7 2.26 0.49 4.77
H6 U48 A 7 -0.28 2.21 7.07
H5' U48 A 7 -4.46 0.64 8.65
H5'' U48 A 7 -3.93 1.14 7.02
H4' U48 A 7 -2.71 -1.34 8.36
H3' U48 A 7 -1.88 1.55 8.90
H3T U48 A 7 -1.63 0.72 11.05
H2' U48 A 7 0.39 0.80 8.98
H2'' U48 A 7 -0.08 -0.85 9.39
H1' U48 A 7 -0.14 -1.50 7.24
H53 U48 A 7 1.11 4.54 4.74
H51 U48 A 7 2.32 4.51 6.05
H52 U48 A 7 0.58 4.47 6.44
H41 U48 A 7 3.15 3.48 3.81
H42 U48 A 7 3.68 2.00 3.24
H3 U48 A 7 2.89 0.00 4.16
P DNR B 6 2.06 -4.26 -9.34
OP1 DNR B 6 1.63 -3.62 -10.63
OP2 DNR B 6 3.35 -5.01 -9.61
O5' DNR B 6 2.20 -3.21 -8.10
C5' DNR B 6 3.00 -3.61 -6.96
C4' DNR B 6 3.07 -2.47 -5.92
O4' DNR B 6 1.79 -2.29 -5.27
C1' DNR B 6 1.97 -1.62 -4.01
N1 DNR B 6 0.94 -2.09 -3.06
C6 DNR B 6 0.80 -3.48 -2.84
C2 DNR B 6 0.14 -1.19 -2.33
O2 DNR B 6 0.22 0.01 -2.49
N3 DNR B 6 -0.77 -1.74 -1.40
C4 DNR B 6 -0.91 -3.05 -1.18
N4 DNR B 6 -1.79 -3.48 -0.25
C5 DNR B 6 -0.14 -4.02 -1.88
C2' DNR B 6 3.44 -1.92 -3.60
C3' DNR B 6 4.01 -2.77 -4.75
O3' DNR B 6 5.36 -2.37 -5.08
H5' DNR B 6 2.56 -4.52 -6.51
H5'' DNR B 6 4.01 -3.87 -7.29
H4' DNR B 6 3.37 -1.54 -6.41
H1' DNR B 6 1.87 -0.54 -4.19
H6 DNR B 6 1.44 -4.12 -3.45
HN3 DNR B 6 -1.39 -1.16 -0.81
H41 DNR B 6 -2.27 -4.37 -0.33
H42 DNR B 6 -2.41 -2.84 0.26
H5 DNR B 6 -0.24 -5.09 -1.71
H2' DNR B 6 3.50 -2.45 -2.64
H2'' DNR B 6 3.98 -0.98 -3.50
H3' DNR B 6 3.96 -3.84 -4.50
N1 5CM B 7 5.41 -1.08 1.21
C2 5CM B 7 4.62 -0.47 2.18
N3 5CM B 7 3.92 -1.26 3.13
C4 5CM B 7 4.04 -2.57 3.09
C5 5CM B 7 4.79 -3.32 2.10
C5A 5CM B 7 4.85 -4.82 2.02
C6 5CM B 7 5.47 -2.49 1.13
O2 5CM B 7 4.49 0.74 2.28
N4 5CM B 7 3.34 -3.20 4.04
C1' 5CM B 7 6.30 -0.25 0.36
C2' 5CM B 7 7.78 -0.68 0.26
C3' 5CM B 7 8.25 0.01 -1.03
C4' 5CM B 7 6.94 0.21 -1.85
O4' 5CM B 7 5.86 -0.24 -1.00
O3' 5CM B 7 8.83 1.28 -0.69
C5' 5CM B 7 6.90 -0.57 -3.19
O5' 5CM B 7 6.66 -1.98 -2.96
P 5CM B 7 6.63 -2.98 -4.26
OP1 5CM B 7 7.89 -2.90 -5.07
OP2 5CM B 7 6.43 -4.42 -3.83
H5A1 5CM B 7 5.48 -5.17 1.19
H5A2 5CM B 7 3.84 -5.24 1.89
H5A3 5CM B 7 5.26 -5.24 2.95
H6 5CM B 7 6.01 -2.90 0.27
HN41 5CM B 7 2.95 -4.12 3.83
HN42 5CM B 7 2.61 -2.68 4.52
H1' 5CM B 7 6.31 0.79 0.71
H2' 5CM B 7 7.90 -1.76 0.14
H2'' 5CM B 7 8.37 -0.37 1.13
H3' 5CM B 7 8.99 -0.61 -1.56
H4' 5CM B 7 6.81 1.28 -2.07
HO3' 5CM B 7 9.31 1.63 -1.49
H5' 5CM B 7 7.85 -0.42 -3.74
H5'' 5CM B 7 6.11 -0.17 -3.82
P DNR C 5 9.56 8.50 2.62
OP1 DNR C 5 10.40 9.01 1.47
OP2 DNR C 5 8.59 9.58 3.03
O5' DNR C 5 8.84 7.05 2.33
C5' DNR C 5 9.54 6.12 1.49
C4' DNR C 5 8.74 4.80 1.31
O4' DNR C 5 8.60 4.09 2.56
C1' DNR C 5 7.56 3.11 2.41
N1 DNR C 5 6.98 2.76 3.73
C6 DNR C 5 6.45 3.79 4.55
C2 DNR C 5 6.89 1.42 4.16
O2 DNR C 5 7.33 0.49 3.53
N3 DNR C 5 6.22 1.17 5.39
C4 DNR C 5 5.70 2.13 6.14
N4 DNR C 5 5.09 1.79 7.30
C5 DNR C 5 5.78 3.52 5.79
C2' DNR C 5 6.57 3.74 1.41
C3' DNR C 5 7.29 4.94 0.78
O3' DNR C 5 7.27 4.81 -0.66
H5' DNR C 5 9.72 6.57 0.50
H5'' DNR C 5 10.52 5.89 1.93
H4' DNR C 5 9.30 4.15 0.62
H1' DNR C 5 8.01 2.22 1.93
H6 DNR C 5 6.61 4.80 4.17
HN3 DNR C 5 6.08 0.24 5.78
H41 DNR C 5 4.64 0.87 7.42
H42 DNR C 5 4.58 2.46 7.87
H5 DNR C 5 5.37 4.31 6.43
H2' DNR C 5 5.64 4.09 1.91
H2'' DNR C 5 6.26 3.02 0.64
H3' DNR C 5 6.83 5.87 1.12
C2 U48 C 7 -1.58 -0.45 -5.32
O2 U48 C 7 -1.51 -1.65 -5.53
C4 U48 C 7 -2.58 1.35 -4.01
C5 U48 C 7 -1.77 2.37 -4.64
C6 U48 C 7 -0.89 1.87 -5.66
OP1 U48 C 7 6.82 1.46 -5.87
P U48 C 7 5.46 2.10 -5.83
OP2 U48 C 7 5.59 3.52 -6.31
O5' U48 C 7 4.35 1.22 -6.67
C5' U48 C 7 3.33 1.91 -7.41
C4' U48 C 7 2.25 0.88 -7.83
O4' U48 C 7 1.47 0.54 -6.66
C3' U48 C 7 1.20 1.41 -8.83
O3' U48 C 7 1.60 1.15 -10.19
C2' U48 C 7 -0.09 0.67 -8.45
C1' U48 C 7 0.16 0.07 -7.04
N1 U48 C 7 -0.80 0.50 -6.00
C5M U48 C 7 -1.84 3.84 -4.27
N4 U48 C 7 -3.47 1.63 -3.03
N3 U48 C 7 -2.46 0.03 -4.38
H6 U48 C 7 -0.22 2.53 -6.22
H5' U48 C 7 3.77 2.38 -8.30
H5'' U48 C 7 2.87 2.70 -6.79
H4' U48 C 7 2.73 -0.02 -8.24
H3' U48 C 7 1.07 2.49 -8.68
H3T U48 C 7 0.91 1.59 -10.79
H2' U48 C 7 -0.95 1.34 -8.47
H2'' U48 C 7 -0.29 -0.15 -9.15
H1' U48 C 7 0.21 -1.02 -7.12
H53 U48 C 7 -2.86 4.22 -4.40
H51 U48 C 7 -1.18 4.44 -4.91
H52 U48 C 7 -1.55 3.99 -3.22
H41 U48 C 7 -3.38 2.48 -2.47
H42 U48 C 7 -3.91 0.90 -2.45
H3 U48 C 7 -3.02 -0.68 -3.91
P DNR D 6 -1.14 -4.27 9.90
OP1 DNR D 6 -1.41 -3.53 11.18
OP2 DNR D 6 -1.23 -5.75 10.19
O5' DNR D 6 -2.10 -3.79 8.67
C5' DNR D 6 -2.40 -4.69 7.60
C4' DNR D 6 -2.98 -3.84 6.45
O4' DNR D 6 -1.91 -3.14 5.78
C1' DNR D 6 -2.37 -2.68 4.49
N1 DNR D 6 -1.22 -2.67 3.55
C6 DNR D 6 -0.62 -3.90 3.16
C2 DNR D 6 -0.71 -1.48 3.03
O2 DNR D 6 -1.15 -0.38 3.36
N3 DNR D 6 0.35 -1.55 2.10
C4 DNR D 6 0.88 -2.70 1.69
N4 DNR D 6 1.87 -2.67 0.78
C5 DNR D 6 0.44 -3.97 2.20
C2' DNR D 6 -3.54 -3.62 4.13
C3' DNR D 6 -3.65 -4.61 5.29
O3' DNR D 6 -5.03 -4.89 5.63
H5' DNR D 6 -3.13 -5.44 7.94
H5'' DNR D 6 -1.50 -5.22 7.26
H4' DNR D 6 -3.70 -3.11 6.85
H1' DNR D 6 -2.77 -1.67 4.63
H6 DNR D 6 -1.02 -4.80 3.65
HN3 DNR D 6 0.78 -0.74 1.66
H41 DNR D 6 2.19 -1.81 0.31
H42 DNR D 6 2.14 -3.49 0.22
H5 DNR D 6 0.90 -4.91 1.88
H2' DNR D 6 -3.39 -4.15 3.17
H2'' DNR D 6 -4.45 -3.03 4.03
H3' DNR D 6 -3.10 -5.54 5.10
N1 5CM D 7 -5.22 -2.76 -1.24
C2 5CM D 7 -4.54 -1.83 -2.04
N3 5CM D 7 -3.68 -2.29 -3.07
C4 5CM D 7 -3.56 -3.59 -3.29
C5 5CM D 7 -4.21 -4.63 -2.52
C5A 5CM D 7 -4.02 -6.12 -2.77
C6 5CM D 7 -5.06 -4.15 -1.47
O2 5CM D 7 -4.63 -0.62 -1.89
N4 5CM D 7 -2.73 -3.90 -4.29
C1' 5CM D 7 -6.21 -2.31 -0.23
C2' 5CM D 7 -7.68 -2.64 -0.61
C3' 5CM D 7 -8.09 -3.80 0.30
C4' 5CM D 7 -7.18 -3.62 1.53
O4' 5CM D 7 -5.98 -2.99 1.02
O3' 5CM D 7 -9.48 -3.70 0.66
C5' 5CM D 7 -6.81 -4.94 2.25
O5' 5CM D 7 -6.50 -4.64 3.64
P 5CM D 7 -5.93 -5.81 4.61
OP1 5CM D 7 -7.05 -6.50 5.36
OP2 5CM D 7 -5.13 -6.85 3.89
H5A1 5CM D 7 -4.32 -6.37 -3.80
H5A2 5CM D 7 -4.63 -6.72 -2.08
H5A3 5CM D 7 -2.98 -6.40 -2.65
H6 5CM D 7 -5.59 -4.82 -0.80
HN41 5CM D 7 -2.11 -4.70 -4.19
HN42 5CM D 7 -2.18 -3.14 -4.73
H1' 5CM D 7 -6.13 -1.22 -0.06
H2' 5CM D 7 -7.78 -2.89 -1.67
H2'' 5CM D 7 -8.30 -1.75 -0.42
H3' 5CM D 7 -7.89 -4.76 -0.20
H4' 5CM D 7 -7.68 -2.96 2.23
HO3' 5CM D 7 -10.02 -3.89 -0.15
H5' 5CM D 7 -7.66 -5.64 2.23
H5'' 5CM D 7 -5.95 -5.43 1.77
P DNR A 5 -9.51 8.45 -1.17
OP1 DNR A 5 -10.06 7.99 0.14
OP2 DNR A 5 -9.67 9.95 -1.23
O5' DNR A 5 -7.96 7.99 -1.43
C5' DNR A 5 -7.34 6.97 -0.62
C4' DNR A 5 -7.95 5.56 -0.82
O4' DNR A 5 -7.73 5.10 -2.17
C1' DNR A 5 -7.66 3.66 -2.21
N1 DNR A 5 -6.94 3.15 -3.43
C6 DNR A 5 -6.20 4.03 -4.25
C2 DNR A 5 -7.01 1.80 -3.77
O2 DNR A 5 -7.64 1.00 -3.09
N3 DNR A 5 -6.31 1.36 -4.93
C4 DNR A 5 -5.62 2.20 -5.70
N4 DNR A 5 -5.03 1.72 -6.82
C5 DNR A 5 -5.51 3.59 -5.43
C2' DNR A 5 -6.97 3.30 -0.88
C3' DNR A 5 -7.28 4.48 0.07
O3' DNR A 5 -8.21 4.03 1.08
H5' DNR A 5 -6.26 6.94 -0.87
H5'' DNR A 5 -7.41 7.26 0.44
H4' DNR A 5 -9.03 5.58 -0.62
H1' DNR A 5 -8.68 3.26 -2.21
H6 DNR A 5 -6.17 5.09 -3.94
HN3 DNR A 5 -6.30 0.39 -5.25
H41 DNR A 5 -4.80 0.72 -6.96
H42 DNR A 5 -4.41 2.28 -7.41
H5 DNR A 5 -4.95 4.27 -6.08
H2' DNR A 5 -7.33 2.34 -0.48
H2'' DNR A 5 -5.89 3.22 -1.02
H3' DNR A 5 -6.34 4.84 0.51
C2 U48 A 7 1.25 -0.91 5.19
O2 U48 A 7 1.15 -2.10 4.94
C4 U48 A 7 2.45 1.18 4.78
C5 U48 A 7 1.63 1.93 5.71
C6 U48 A 7 0.61 1.14 6.36
OP1 U48 A 7 -5.58 -1.50 7.04
P U48 A 7 -5.53 -0.12 6.44
OP2 U48 A 7 -6.93 0.43 6.44
O5' U48 A 7 -4.50 0.89 7.21
C5' U48 A 7 -3.70 0.46 8.33
C4' U48 A 7 -2.66 -0.64 7.99
O4' U48 A 7 -1.87 -0.25 6.84
C3' U48 A 7 -1.61 -0.84 9.11
O3' U48 A 7 -1.99 -1.83 10.08
C2' U48 A 7 -0.30 -1.18 8.37
C1' U48 A 7 -0.61 -0.98 6.86
N1 U48 A 7 0.42 -0.24 6.10
C5M U48 A 7 1.81 3.41 5.97
N4 U48 A 7 3.45 1.76 4.07
N3 U48 A 7 2.24 -0.17 4.58
H6 U48 A 7 -0.09 1.58 7.07
H5' U48 A 7 -4.36 0.10 9.13
H5'' U48 A 7 -3.19 1.34 8.73
H4' U48 A 7 -3.15 -1.60 7.79
H3' U48 A 7 -1.46 0.12 9.63
H3T U48 A 7 -1.64 -2.74 9.78
H2' U48 A 7 0.50 -0.50 8.70
H2'' U48 A 7 0.04 -2.20 8.56
H1' U48 A 7 -0.80 -1.96 6.42
H53 U48 A 7 1.09 3.78 6.72
H51 U48 A 7 1.66 3.99 5.05
H52 U48 A 7 2.82 3.62 6.34
H41 U48 A 7 3.54 2.77 3.98
H42 U48 A 7 3.93 1.29 3.28
H3 U48 A 7 2.84 -0.67 3.93
P DNR B 6 2.19 -5.36 -8.06
OP1 DNR B 6 3.27 -5.76 -9.03
OP2 DNR B 6 1.70 -6.58 -7.35
O5' DNR B 6 2.66 -4.19 -7.03
C5' DNR B 6 3.54 -3.16 -7.55
C4' DNR B 6 3.83 -2.10 -6.47
O4' DNR B 6 2.58 -1.53 -5.99
C1' DNR B 6 2.70 -1.09 -4.63
N1 DNR B 6 1.49 -1.51 -3.89
C6 DNR B 6 1.10 -2.87 -3.90
C2 DNR B 6 0.78 -0.60 -3.09
O2 DNR B 6 1.06 0.58 -3.04
N3 DNR B 6 -0.30 -1.10 -2.32
C4 DNR B 6 -0.65 -2.38 -2.32
N4 DNR B 6 -1.67 -2.77 -1.51
C5 DNR B 6 0.01 -3.38 -3.11
C2' DNR B 6 4.01 -1.70 -4.09
C3' DNR B 6 4.55 -2.61 -5.21
O3' DNR B 6 5.98 -2.44 -5.37
H5' DNR B 6 4.48 -3.61 -7.88
H5'' DNR B 6 3.07 -2.67 -8.42
H4' DNR B 6 4.42 -1.29 -6.92
H1' DNR B 6 2.80 0.00 -4.64
H6 DNR B 6 1.67 -3.51 -4.58
HN3 DNR B 6 -0.86 -0.52 -1.69
H41 DNR B 6 -2.10 -2.13 -0.83
H42 DNR B 6 -1.71 -3.71 -1.12
H5 DNR B 6 -0.29 -4.42 -3.11
H2' DNR B 6 3.87 -2.26 -3.16
H2'' DNR B 6 4.71 -0.88 -3.87
H3' DNR B 6 4.29 -3.66 -5.02
N1 5CM B 7 5.44 -1.67 0.96
C2 5CM B 7 4.65 -1.07 1.94
N3 5CM B 7 3.71 -1.84 2.68
C4 5CM B 7 3.62 -3.15 2.45
C5 5CM B 7 4.32 -3.84 1.39
C5A 5CM B 7 4.11 -5.32 1.07
C6 5CM B 7 5.23 -3.03 0.63
O2 5CM B 7 4.73 0.12 2.24
N4 5CM B 7 2.72 -3.77 3.23
C1' 5CM B 7 6.60 -0.94 0.38
C2' 5CM B 7 7.94 -1.70 0.35
C3' 5CM B 7 8.72 -1.02 -0.77
C4' 5CM B 7 7.62 -0.38 -1.67
O4' 5CM B 7 6.36 -0.59 -0.99
O3' 5CM B 7 9.57 -0.01 -0.22
C5' 5CM B 7 7.55 -0.97 -3.10
O5' 5CM B 7 7.00 -2.32 -3.06
P 5CM B 7 7.02 -3.24 -4.41
OP1 5CM B 7 8.39 -3.30 -5.04
OP2 5CM B 7 6.57 -4.64 -4.10
H5A1 5CM B 7 4.38 -5.93 1.94
H5A2 5CM B 7 4.73 -5.64 0.23
H5A3 5CM B 7 3.07 -5.53 0.82
H6 5CM B 7 5.78 -3.41 -0.23
HN41 5CM B 7 2.09 -3.21 3.80
HN42 5CM B 7 2.23 -4.59 2.89
H1' 5CM B 7 6.78 -0.02 0.93
H2' 5CM B 7 7.83 -2.76 0.10
H2'' 5CM B 7 8.46 -1.64 1.32
H3' 5CM B 7 9.31 -1.75 -1.34
H4' 5CM B 7 7.80 0.70 -1.74
HO3' 5CM B 7 10.37 -0.46 0.19
H5' 5CM B 7 8.55 -0.99 -3.55
H5'' 5CM B 7 6.93 -0.33 -3.74
P DNR C 5 8.68 7.72 3.28
OP1 DNR C 5 9.43 8.46 2.18
OP2 DNR C 5 7.36 8.40 3.47
O5' DNR C 5 8.52 6.11 3.01
C5' DNR C 5 9.66 5.40 2.46
C4' DNR C 5 9.26 3.98 2.00
O4' DNR C 5 8.97 3.14 3.14
C1' DNR C 5 7.95 2.18 2.82
N1 DNR C 5 7.27 1.72 4.06
C6 DNR C 5 6.77 2.68 4.97
C2 DNR C 5 7.05 0.35 4.32
O2 DNR C 5 7.45 -0.54 3.59
N3 DNR C 5 6.30 0.01 5.47
C4 DNR C 5 5.83 0.91 6.32
N4 DNR C 5 5.16 0.49 7.41
C5 DNR C 5 6.03 2.32 6.15
C2' DNR C 5 7.06 2.93 1.82
C3' DNR C 5 8.00 3.90 1.10
O3' DNR C 5 8.30 3.34 -0.20
H5' DNR C 5 10.07 5.96 1.61
H5'' DNR C 5 10.45 5.35 3.22
H4' DNR C 5 10.11 3.54 1.46
H1' DNR C 5 8.44 1.34 2.30
H6 DNR C 5 7.02 3.72 4.72
HN3 DNR C 5 6.07 -0.95 5.74
H41 DNR C 5 4.68 1.14 8.03
H42 DNR C 5 4.53 -0.33 7.35
H5 DNR C 5 5.65 3.06 6.85
H2' DNR C 5 6.28 3.51 2.35
H2'' DNR C 5 6.54 2.26 1.13
H3' DNR C 5 7.50 4.88 0.97
C2 U48 C 7 -1.65 0.47 -5.15
O2 U48 C 7 -1.53 -0.73 -5.32
C4 U48 C 7 -2.72 2.25 -3.85
C5 U48 C 7 -1.95 3.30 -4.49
C6 U48 C 7 -1.03 2.81 -5.48
OP1 U48 C 7 6.99 0.83 -6.48
P U48 C 7 5.88 1.80 -6.17
OP2 U48 C 7 6.30 3.15 -6.70
O5' U48 C 7 4.44 1.29 -6.72
C5' U48 C 7 3.52 2.22 -7.29
C4' U48 C 7 2.22 1.46 -7.65
O4' U48 C 7 1.38 1.35 -6.47
C3' U48 C 7 1.32 2.14 -8.69
O3' U48 C 7 1.59 1.70 -10.02
C2' U48 C 7 -0.12 1.73 -8.26
C1' U48 C 7 0.05 1.03 -6.89
N1 U48 C 7 -0.90 1.44 -5.83
C5M U48 C 7 -2.05 4.76 -4.13
N4 U48 C 7 -3.63 2.52 -2.88
N3 U48 C 7 -2.56 0.93 -4.21
H6 U48 C 7 -0.36 3.48 -6.01
H5' U48 C 7 3.96 2.66 -8.19
H5'' U48 C 7 3.30 3.03 -6.58
H4' U48 C 7 2.47 0.45 -8.00
H3' U48 C 7 1.41 3.24 -8.62
H3T U48 C 7 2.43 2.14 -10.33
H2' U48 C 7 -0.77 2.62 -8.20
H2'' U48 C 7 -0.57 1.03 -8.98
H1' U48 C 7 0.00 -0.06 -7.07
H53 U48 C 7 -1.38 5.37 -4.74
H51 U48 C 7 -1.80 4.92 -3.07
H52 U48 C 7 -3.08 5.13 -4.28
H41 U48 C 7 -3.65 3.41 -2.38
H42 U48 C 7 -4.09 1.78 -2.31
H3 U48 C 7 -3.13 0.22 -3.75
P DNR D 6 -1.77 -5.21 8.48
OP1 DNR D 6 -1.20 -4.35 9.57
OP2 DNR D 6 -2.96 -5.97 9.03
O5' DNR D 6 -2.15 -4.28 7.22
C5' DNR D 6 -3.01 -4.80 6.19
C4' DNR D 6 -3.25 -3.67 5.17
O4' DNR D 6 -2.00 -3.26 4.57
C1' DNR D 6 -2.28 -2.48 3.40
N1 DNR D 6 -1.12 -2.53 2.49
C6 DNR D 6 -0.75 -3.75 1.89
C2 DNR D 6 -0.39 -1.37 2.18
O2 DNR D 6 -0.63 -0.29 2.70
N3 DNR D 6 0.63 -1.46 1.22
C4 DNR D 6 0.94 -2.60 0.60
N4 DNR D 6 1.91 -2.60 -0.34
C5 DNR D 6 0.30 -3.84 0.89
C2' DNR D 6 -3.61 -3.07 2.86
C3' DNR D 6 -4.10 -4.05 3.94
O3' DNR D 6 -5.50 -3.82 4.20
H5' DNR D 6 -3.96 -5.13 6.61
H5'' DNR D 6 -2.53 -5.67 5.70
H4' DNR D 6 -3.71 -2.81 5.68
H1' DNR D 6 -2.48 -1.45 3.74
H6 DNR D 6 -1.30 -4.63 2.23
HN3 DNR D 6 1.20 -0.67 0.91
H41 DNR D 6 2.50 -1.76 -0.50
H42 DNR D 6 2.51 -3.40 -0.48
H5 DNR D 6 0.56 -4.78 0.40
H2' DNR D 6 -3.50 -3.58 1.90
H2'' DNR D 6 -4.34 -2.27 2.72
H3' DNR D 6 -3.89 -5.08 3.63
N1 5CM D 7 -5.65 -1.84 -1.29
C2 5CM D 7 -4.92 -0.87 -2.00
N3 5CM D 7 -4.11 -1.27 -3.11
C4 5CM D 7 -4.07 -2.56 -3.45
C5 5CM D 7 -4.77 -3.62 -2.77
C5A 5CM D 7 -4.67 -5.09 -3.15
C6 5CM D 7 -5.58 -3.19 -1.67
O2 5CM D 7 -4.91 0.32 -1.72
N4 5CM D 7 -3.23 -2.82 -4.46
C1' 5CM D 7 -6.51 -1.45 -0.15
C2' 5CM D 7 -8.02 -1.57 -0.39
C3' 5CM D 7 -8.60 -1.91 0.98
C4' 5CM D 7 -7.46 -2.68 1.70
O4' 5CM D 7 -6.24 -2.32 0.98
O3' 5CM D 7 -8.90 -0.71 1.70
C5' 5CM D 7 -7.66 -4.22 1.61
O5' 5CM D 7 -6.60 -4.95 2.28
P 5CM D 7 -6.56 -5.03 3.92
OP1 5CM D 7 -7.90 -4.77 4.57
OP2 5CM D 7 -6.04 -6.36 4.38
H5A1 5CM D 7 -3.63 -5.45 -3.06
H5A2 5CM D 7 -4.98 -5.23 -4.20
H5A3 5CM D 7 -5.31 -5.72 -2.52
H6 5CM D 7 -6.14 -3.89 -1.04
HN41 5CM D 7 -2.74 -3.70 -4.45
HN42 5CM D 7 -2.57 -2.10 -4.75
H1' 5CM D 7 -6.30 -0.42 0.17
H2' 5CM D 7 -8.23 -2.39 -1.10
H2'' 5CM D 7 -8.44 -0.65 -0.81
H3' 5CM D 7 -9.51 -2.52 0.89
H4' 5CM D 7 -7.39 -2.37 2.75
HO3' 5CM D 7 -9.75 -0.33 1.32
H5' 5CM D 7 -8.63 -4.50 2.03
H5'' 5CM D 7 -7.69 -4.53 0.55
P DNR A 5 -10.95 7.60 -1.68
OP1 DNR A 5 -11.90 7.74 -0.52
OP2 DNR A 5 -9.99 8.77 -1.65
O5' DNR A 5 -10.21 6.15 -1.75
C5' DNR A 5 -11.01 4.99 -1.46
C4' DNR A 5 -10.15 3.71 -1.25
O4' DNR A 5 -9.57 3.20 -2.46
C1' DNR A 5 -8.59 2.20 -2.08
N1 DNR A 5 -7.66 1.90 -3.21
C6 DNR A 5 -7.00 2.98 -3.87
C2 DNR A 5 -7.43 0.60 -3.63
O2 DNR A 5 -7.97 -0.36 -3.11
N3 DNR A 5 -6.52 0.39 -4.70
C4 DNR A 5 -5.90 1.38 -5.33
N4 DNR A 5 -5.07 1.11 -6.35
C5 DNR A 5 -6.09 2.76 -4.97
C2' DNR A 5 -7.96 2.78 -0.78
C3' DNR A 5 -8.95 3.86 -0.30
O3' DNR A 5 -9.40 3.62 1.05
H5' DNR A 5 -11.59 5.16 -0.55
H5'' DNR A 5 -11.73 4.82 -2.28
H4' DNR A 5 -10.82 2.94 -0.84
H1' DNR A 5 -9.14 1.29 -1.80
H6 DNR A 5 -7.25 3.97 -3.50
HN3 DNR A 5 -6.29 -0.53 -5.07
H41 DNR A 5 -5.15 1.64 -7.23
H42 DNR A 5 -4.87 0.14 -6.65
H5 DNR A 5 -5.58 3.57 -5.47
H2' DNR A 5 -7.81 1.99 -0.04
H2'' DNR A 5 -6.97 3.23 -0.99
H3' DNR A 5 -8.50 4.86 -0.40
C2 U48 A 7 0.56 -0.33 5.86
O2 U48 A 7 0.66 -1.53 5.61
C4 U48 A 7 1.40 1.91 5.43
C5 U48 A 7 0.41 2.54 6.28
C6 U48 A 7 -0.49 1.61 6.91
OP1 U48 A 7 -6.85 2.29 8.63
P U48 A 7 -5.96 2.19 7.41
OP2 U48 A 7 -5.66 3.58 6.93
O5' U48 A 7 -4.60 1.32 7.70
C5' U48 A 7 -4.74 0.05 8.38
C4' U48 A 7 -3.36 -0.62 8.57
O4' U48 A 7 -2.58 -0.56 7.35
C3' U48 A 7 -2.44 -0.01 9.64
O3' U48 A 7 -2.69 -0.52 10.96
C2' U48 A 7 -1.03 -0.38 9.16
C1' U48 A 7 -1.17 -0.68 7.64
N1 U48 A 7 -0.39 0.20 6.75
C5M U48 A 7 0.29 4.04 6.45
N4 U48 A 7 2.29 2.63 4.69
N3 U48 A 7 1.42 0.55 5.24
H6 U48 A 7 -1.31 1.94 7.54
H5' U48 A 7 -5.39 -0.61 7.79
H5'' U48 A 7 -5.21 0.20 9.36
H4' U48 A 7 -3.52 -1.68 8.84
H3' U48 A 7 -2.56 1.09 9.64
H3T U48 A 7 -2.40 -1.48 10.99
H2' U48 A 7 -0.31 0.43 9.35
H2'' U48 A 7 -0.65 -1.27 9.67
H1' U48 A 7 -0.90 -1.74 7.48
H53 U48 A 7 1.22 4.46 6.87
H51 U48 A 7 -0.54 4.29 7.14
H52 U48 A 7 0.10 4.52 5.49
H41 U48 A 7 2.24 3.65 4.60
H42 U48 A 7 2.81 2.23 3.89
H3 U48 A 7 2.09 0.14 4.61
P DNR B 6 2.24 -5.75 -7.65
OP1 DNR B 6 2.35 -5.72 -9.14
OP2 DNR B 6 3.26 -6.73 -7.12
O5' DNR B 6 2.39 -4.26 -6.99
C5' DNR B 6 2.95 -4.13 -5.67
C4' DNR B 6 2.66 -2.71 -5.18
O4' DNR B 6 1.33 -2.66 -4.63
C1' DNR B 6 1.28 -1.86 -3.43
N1 DNR B 6 0.22 -2.34 -2.53
C6 DNR B 6 0.07 -3.74 -2.32
C2 DNR B 6 -0.61 -1.46 -1.83
O2 DNR B 6 -0.52 -0.25 -1.96
N3 DNR B 6 -1.57 -2.00 -0.95
C4 DNR B 6 -1.71 -3.31 -0.74
N4 DNR B 6 -2.64 -3.75 0.13
C5 DNR B 6 -0.91 -4.29 -1.42
C2' DNR B 6 2.71 -1.96 -2.85
C3' DNR B 6 3.61 -2.19 -4.08
O3' DNR B 6 4.14 -0.93 -4.51
H5' DNR B 6 2.51 -4.88 -4.99
H5'' DNR B 6 4.04 -4.32 -5.73
H4' DNR B 6 2.71 -2.03 -6.04
H1' DNR B 6 1.11 -0.81 -3.73
H6 DNR B 6 0.74 -4.37 -2.90
HN3 DNR B 6 -2.20 -1.43 -0.39
H41 DNR B 6 -3.26 -3.10 0.63
H42 DNR B 6 -3.21 -4.58 -0.10
H5 DNR B 6 -1.02 -5.36 -1.25
H2' DNR B 6 2.80 -2.81 -2.16
H2'' DNR B 6 2.99 -1.05 -2.30
H3' DNR B 6 4.40 -2.92 -3.83
N1 5CM B 7 4.66 -0.63 1.63
C2 5CM B 7 3.83 -0.13 2.63
N3 5CM B 7 3.19 -1.01 3.54
C4 5CM B 7 3.42 -2.31 3.45
C5 5CM B 7 4.22 -2.94 2.42
C5A 5CM B 7 4.41 -4.45 2.30
C6 5CM B 7 4.84 -2.04 1.49
O2 5CM B 7 3.62 1.06 2.80
N4 5CM B 7 2.77 -3.03 4.37
C1' 5CM B 7 5.49 0.32 0.83
C2' 5CM B 7 6.92 -0.06 0.42
C3' 5CM B 7 7.24 0.97 -0.66
C4' 5CM B 7 5.85 1.40 -1.20
O4' 5CM B 7 4.88 0.65 -0.42
O3' 5CM B 7 7.93 2.08 -0.06
C5' 5CM B 7 5.62 1.14 -2.71
O5' 5CM B 7 5.95 -0.23 -3.04
P 5CM B 7 5.75 -0.72 -4.59
OP1 5CM B 7 6.13 0.33 -5.61
OP2 5CM B 7 6.52 -1.99 -4.88
H5A1 5CM B 7 3.44 -4.95 2.14
H5A2 5CM B 7 4.85 -4.86 3.21
H5A3 5CM B 7 5.07 -4.70 1.45
H6 5CM B 7 5.43 -2.38 0.65
HN41 5CM B 7 1.99 -2.57 4.84
HN42 5CM B 7 2.47 -3.97 4.14
H1' 5CM B 7 5.57 1.25 1.40
H2' 5CM B 7 6.97 -1.06 -0.03
H2'' 5CM B 7 7.61 -0.02 1.26
H3' 5CM B 7 7.87 0.52 -1.44
H4' 5CM B 7 5.69 2.47 -1.00
HO3' 5CM B 7 8.28 2.65 -0.80
H5' 5CM B 7 6.25 1.82 -3.30
H5'' 5CM B 7 4.57 1.35 -2.97
P DNR C 5 8.63 8.82 3.08
OP1 DNR C 5 9.31 9.40 1.86
OP2 DNR C 5 7.76 9.88 3.69
O5' DNR C 5 7.85 7.41 2.80
C5' DNR C 5 8.51 6.44 1.96
C4' DNR C 5 7.68 5.14 1.85
O4' DNR C 5 7.59 4.47 3.14
C1' DNR C 5 6.55 3.48 3.02
N1 DNR C 5 6.09 3.00 4.36
C6 DNR C 5 5.57 3.94 5.28
C2 DNR C 5 6.06 1.64 4.68
O2 DNR C 5 6.52 0.77 3.95
N3 DNR C 5 5.43 1.25 5.90
C4 DNR C 5 4.91 2.12 6.75
N4 DNR C 5 4.33 1.66 7.87
C5 DNR C 5 4.94 3.54 6.52
C2' DNR C 5 5.48 4.17 2.15
C3' DNR C 5 6.22 5.26 1.36
O3' DNR C 5 6.13 4.96 -0.05
H5' DNR C 5 8.66 6.86 0.96
H5'' DNR C 5 9.50 6.22 2.36
H4' DNR C 5 8.23 4.45 1.17
H1' DNR C 5 6.99 2.64 2.45
H6 DNR C 5 5.67 4.98 4.99
HN3 DNR C 5 5.34 0.28 6.21
H41 DNR C 5 4.10 0.66 8.01
H42 DNR C 5 4.65 2.00 8.79
H5 DNR C 5 4.52 4.25 7.23
H2' DNR C 5 4.69 4.63 2.76
H2'' DNR C 5 4.99 3.45 1.48
H3' DNR C 5 5.80 6.24 1.59
C2 U48 C 7 -1.77 -0.34 -5.00
O2 U48 C 7 -1.73 -1.54 -5.17
C4 U48 C 7 -2.80 1.52 -3.80
C5 U48 C 7 -1.89 2.49 -4.36
C6 U48 C 7 -0.93 1.94 -5.27
OP1 U48 C 7 4.05 4.64 -5.84
P U48 C 7 2.62 4.21 -5.70
OP2 U48 C 7 1.71 5.39 -5.95
O5' U48 C 7 2.19 2.95 -6.65
C5' U48 C 7 3.12 1.86 -6.77
C4' U48 C 7 2.35 0.58 -7.21
O4' U48 C 7 1.42 0.24 -6.15
C3' U48 C 7 1.51 0.72 -8.50
O3' U48 C 7 1.63 -0.45 -9.32
C2' U48 C 7 0.06 0.83 -7.99
C1' U48 C 7 0.08 0.10 -6.64
N1 U48 C 7 -0.89 0.57 -5.61
C5M U48 C 7 -1.91 3.97 -4.00
N4 U48 C 7 -3.76 1.86 -2.90
N3 U48 C 7 -2.71 0.19 -4.13
H6 U48 C 7 -0.16 2.55 -5.73
H5' U48 C 7 3.62 1.67 -5.82
H5'' U48 C 7 3.89 2.11 -7.52
H4' U48 C 7 3.09 -0.23 -7.32
H3' U48 C 7 1.79 1.60 -9.07
H3T U48 C 7 2.49 -0.38 -9.83
H2' U48 C 7 -0.20 1.89 -7.88
H2'' U48 C 7 -0.65 0.38 -8.69
H1' U48 C 7 -0.07 -0.98 -6.85
H53 U48 C 7 -1.78 4.12 -2.91
H51 U48 C 7 -2.87 4.42 -4.28
H52 U48 C 7 -1.12 4.52 -4.52
H41 U48 C 7 -3.69 2.72 -2.36
H42 U48 C 7 -4.26 1.16 -2.32
H3 U48 C 7 -3.32 -0.47 -3.68
P DNR D 6 -1.36 -4.42 10.01
OP1 DNR D 6 -1.72 -3.56 11.19
OP2 DNR D 6 -1.70 -5.86 10.29
O5' DNR D 6 -2.09 -3.81 8.68
C5' DNR D 6 -2.78 -4.68 7.77
C4' DNR D 6 -3.25 -3.82 6.57
O4' DNR D 6 -2.12 -3.44 5.76
C1' DNR D 6 -2.63 -3.02 4.49
N1 DNR D 6 -1.52 -2.87 3.52
C6 DNR D 6 -0.82 -4.00 3.04
C2 DNR D 6 -1.13 -1.60 3.09
O2 DNR D 6 -1.65 -0.57 3.51
N3 DNR D 6 -0.11 -1.51 2.12
C4 DNR D 6 0.52 -2.57 1.62
N4 DNR D 6 1.46 -2.38 0.67
C5 DNR D 6 0.22 -3.90 2.05
C2' DNR D 6 -3.75 -4.05 4.19
C3' DNR D 6 -4.25 -4.48 5.59
O3' DNR D 6 -5.56 -3.93 5.87
H5' DNR D 6 -3.65 -5.12 8.28
H5'' DNR D 6 -2.14 -5.50 7.42
H4' DNR D 6 -3.72 -2.91 6.96
H1' DNR D 6 -3.14 -2.04 4.65
H6 DNR D 6 -1.12 -4.96 3.48
HN3 DNR D 6 0.22 -0.62 1.73
H41 DNR D 6 2.30 -2.96 0.64
H42 DNR D 6 1.75 -1.43 0.40
H5 DNR D 6 0.74 -4.78 1.65
H2' DNR D 6 -3.38 -4.92 3.65
H2'' DNR D 6 -4.54 -3.59 3.58
H3' DNR D 6 -4.25 -5.57 5.70
N1 5CM D 7 -5.97 -2.32 -1.12
C2 5CM D 7 -5.15 -1.43 -1.83
N3 5CM D 7 -4.23 -1.93 -2.79
C4 5CM D 7 -4.16 -3.24 -3.00
C5 5CM D 7 -4.98 -4.24 -2.33
C5A 5CM D 7 -4.87 -5.73 -2.58
C6 5CM D 7 -5.90 -3.71 -1.38
O2 5CM D 7 -5.17 -0.22 -1.67
N4 5CM D 7 -3.20 -3.60 -3.86
C1' 5CM D 7 -6.94 -1.82 -0.11
C2' 5CM D 7 -8.42 -2.10 -0.44
C3' 5CM D 7 -8.94 -3.00 0.69
C4' 5CM D 7 -7.92 -2.76 1.82
O4' 5CM D 7 -6.69 -2.51 1.13
O3' 5CM D 7 -10.26 -2.61 1.09
C5' 5CM D 7 -7.74 -3.97 2.78
O5' 5CM D 7 -7.15 -3.51 4.01
P 5CM D 7 -6.88 -4.59 5.21
OP1 5CM D 7 -8.04 -4.60 6.19
OP2 5CM D 7 -6.69 -6.00 4.70
H5A1 5CM D 7 -5.55 -6.29 -1.93
H5A2 5CM D 7 -3.84 -6.08 -2.41
H5A3 5CM D 7 -5.12 -5.96 -3.63
H6 5CM D 7 -6.57 -4.33 -0.78
HN41 5CM D 7 -2.72 -2.87 -4.37
HN42 5CM D 7 -3.41 -4.34 -4.52
H1' 5CM D 7 -6.81 -0.74 0.08
H2' 5CM D 7 -8.54 -2.60 -1.41
H2'' 5CM D 7 -8.98 -1.16 -0.48
H3' 5CM D 7 -8.91 -4.06 0.38
H4' 5CM D 7 -8.22 -1.88 2.40
HO3' 5CM D 7 -10.89 -2.88 0.35
H5' 5CM D 7 -8.72 -4.41 3.00
H5'' 5CM D 7 -7.12 -4.75 2.31
P DNR A 5 -10.72 7.29 -1.95
OP1 DNR A 5 -11.48 7.35 -0.66
OP2 DNR A 5 -9.83 8.51 -2.03
O5' DNR A 5 -9.90 5.88 -2.19
C5' DNR A 5 -10.61 4.66 -1.86
C4' DNR A 5 -9.71 3.41 -1.94
O4' DNR A 5 -9.23 3.13 -3.28
C1' DNR A 5 -8.15 2.17 -3.15
N1 DNR A 5 -7.33 2.05 -4.38
C6 DNR A 5 -6.86 3.23 -5.02
C2 DNR A 5 -6.89 0.81 -4.84
O2 DNR A 5 -7.26 -0.25 -4.32
N3 DNR A 5 -5.99 0.78 -5.92
C4 DNR A 5 -5.53 1.87 -6.52
N4 DNR A 5 -4.65 1.74 -7.54
C5 DNR A 5 -5.93 3.18 -6.12
C2' DNR A 5 -7.38 2.67 -1.90
C3' DNR A 5 -8.43 3.43 -1.06
O3' DNR A 5 -8.68 2.69 0.15
H5' DNR A 5 -11.02 4.73 -0.85
H5'' DNR A 5 -11.46 4.55 -2.54
H4' DNR A 5 -10.32 2.55 -1.63
H1' DNR A 5 -8.61 1.19 -2.91
H6 DNR A 5 -7.26 4.16 -4.61
HN3 DNR A 5 -5.60 -0.09 -6.31
H41 DNR A 5 -4.17 0.85 -7.72
H42 DNR A 5 -4.90 2.11 -8.46
H5 DNR A 5 -5.57 4.08 -6.62
H2' DNR A 5 -6.94 1.83 -1.34
H2'' DNR A 5 -6.57 3.35 -2.19
H3' DNR A 5 -8.07 4.45 -0.86
C2 U48 A 7 0.98 -0.34 5.63
O2 U48 A 7 1.08 -1.53 5.40
C4 U48 A 7 1.85 1.90 5.20
C5 U48 A 7 0.84 2.54 6.02
C6 U48 A 7 -0.08 1.62 6.63
OP1 U48 A 7 -6.19 2.85 7.92
P U48 A 7 -5.29 2.55 6.73
OP2 U48 A 7 -4.84 3.87 6.16
O5' U48 A 7 -4.06 1.57 7.13
C5' U48 A 7 -4.34 0.34 7.84
C4' U48 A 7 -3.04 -0.41 8.16
O4' U48 A 7 -2.20 -0.52 6.99
C3' U48 A 7 -2.13 0.24 9.23
O3' U48 A 7 -2.52 -0.13 10.56
C2' U48 A 7 -0.75 -0.33 8.87
C1' U48 A 7 -0.81 -0.67 7.36
N1 U48 A 7 0.01 0.21 6.48
C5M U48 A 7 0.72 4.05 6.18
N4 U48 A 7 2.78 2.61 4.52
N3 U48 A 7 1.86 0.53 5.03
H6 U48 A 7 -0.93 1.97 7.21
H5' U48 A 7 -5.00 -0.29 7.23
H5'' U48 A 7 -4.88 0.57 8.77
H4' U48 A 7 -3.29 -1.43 8.51
H3' U48 A 7 -2.14 1.33 9.12
H3T U48 A 7 -1.94 0.37 11.20
H2' U48 A 7 0.05 0.39 9.11
H2'' U48 A 7 -0.55 -1.25 9.44
H1' U48 A 7 -0.54 -1.72 7.23
H53 U48 A 7 1.64 4.46 6.63
H51 U48 A 7 -0.13 4.31 6.83
H52 U48 A 7 0.57 4.52 5.21
H41 U48 A 7 2.72 3.63 4.41
H42 U48 A 7 3.29 2.22 3.70
H3 U48 A 7 2.54 0.12 4.41
P DNR B 6 2.27 -5.66 -7.58
OP1 DNR B 6 2.44 -6.74 -8.63
OP2 DNR B 6 1.81 -6.33 -6.31
O5' DNR B 6 3.65 -4.80 -7.45
C5' DNR B 6 4.11 -4.35 -6.16
C4' DNR B 6 3.38 -3.05 -5.70
O4' DNR B 6 2.09 -3.34 -5.13
C1' DNR B 6 1.73 -2.30 -4.18
N1 DNR B 6 0.69 -2.72 -3.22
C6 DNR B 6 0.48 -4.10 -2.92
C2 DNR B 6 -0.06 -1.75 -2.53
O2 DNR B 6 0.10 -0.56 -2.73
N3 DNR B 6 -1.01 -2.19 -1.59
C4 DNR B 6 -1.22 -3.47 -1.30
N4 DNR B 6 -2.14 -3.80 -0.38
C5 DNR B 6 -0.49 -4.54 -1.95
C2' DNR B 6 3.08 -1.95 -3.53
C3' DNR B 6 4.15 -2.32 -4.56
O3' DNR B 6 4.74 -1.11 -5.09
H5' DNR B 6 4.02 -5.15 -5.41
H5'' DNR B 6 5.18 -4.14 -6.26
H4' DNR B 6 3.25 -2.38 -6.56
H1' DNR B 6 1.38 -1.43 -4.75
H6 DNR B 6 1.10 -4.81 -3.48
HN3 DNR B 6 -1.59 -1.56 -1.04
H41 DNR B 6 -2.69 -3.09 0.12
H42 DNR B 6 -2.77 -4.59 -0.52
H5 DNR B 6 -0.65 -5.58 -1.71
H2' DNR B 6 3.24 -2.53 -2.61
H2'' DNR B 6 3.13 -0.88 -3.25
H3' DNR B 6 4.90 -2.97 -4.10
N1 5CM B 7 4.96 -0.60 1.27
C2 5CM B 7 4.19 -0.11 2.34
N3 5CM B 7 3.58 -1.00 3.24
C4 5CM B 7 3.73 -2.31 3.09
C5 5CM B 7 4.45 -2.94 1.98
C5A 5CM B 7 4.56 -4.44 1.77
C6 5CM B 7 5.05 -2.00 1.06
O2 5CM B 7 4.05 1.08 2.57
N4 5CM B 7 3.09 -3.05 4.00
C1' 5CM B 7 5.78 0.32 0.46
C2' 5CM B 7 7.27 -0.03 0.25
C3' 5CM B 7 7.66 0.75 -1.02
C4' 5CM B 7 6.29 1.18 -1.63
O4' 5CM B 7 5.28 0.45 -0.88
O3' 5CM B 7 8.45 1.88 -0.64
C5' 5CM B 7 6.13 0.91 -3.16
O5' 5CM B 7 6.45 -0.46 -3.48
P 5CM B 7 6.35 -0.94 -5.03
OP1 5CM B 7 6.82 0.10 -6.02
OP2 5CM B 7 7.11 -2.23 -5.27
H5A1 5CM B 7 3.56 -4.88 1.65
H5A2 5CM B 7 5.03 -4.91 2.65
H5A3 5CM B 7 5.15 -4.67 0.89
H6 5CM B 7 5.58 -2.32 0.16
HN41 5CM B 7 2.36 -2.58 4.53
HN42 5CM B 7 2.75 -3.97 3.74
H1' 5CM B 7 5.76 1.33 0.89
H2' 5CM B 7 7.41 -1.10 0.07
H2'' 5CM B 7 7.88 0.25 1.11
H3' 5CM B 7 8.22 0.10 -1.70
H4' 5CM B 7 6.13 2.24 -1.45
HO3' 5CM B 7 8.55 2.46 -1.45
H5' 5CM B 7 6.80 1.58 -3.72
H5'' 5CM B 7 5.09 1.14 -3.46
P DNR C 5 8.71 8.58 3.34
OP1 DNR C 5 9.27 9.22 2.10
OP2 DNR C 5 7.68 9.51 3.94
O5' DNR C 5 8.13 7.06 3.10
C5' DNR C 5 8.95 6.18 2.29
C4' DNR C 5 8.22 4.84 1.99
O4' DNR C 5 8.09 4.06 3.21
C1' DNR C 5 6.97 3.17 3.07
N1 DNR C 5 6.55 2.60 4.38
C6 DNR C 5 6.13 3.47 5.42
C2 DNR C 5 6.52 1.21 4.59
O2 DNR C 5 6.89 0.40 3.76
N3 DNR C 5 6.00 0.75 5.82
C4 DNR C 5 5.56 1.55 6.78
N4 DNR C 5 5.11 1.00 7.93
C5 DNR C 5 5.60 2.98 6.66
C2' DNR C 5 5.93 4.06 2.35
C3' DNR C 5 6.78 4.95 1.42
O3' DNR C 5 6.70 4.37 0.09
H5' DNR C 5 9.20 6.67 1.35
H5'' DNR C 5 9.89 5.98 2.81
H4' DNR C 5 8.84 4.26 1.29
H1' DNR C 5 7.28 2.37 2.38
H6 DNR C 5 6.25 4.53 5.21
HN3 DNR C 5 5.91 -0.25 6.07
H41 DNR C 5 4.61 1.55 8.62
H42 DNR C 5 4.67 0.06 7.94
H5 DNR C 5 5.27 3.64 7.47
H2' DNR C 5 5.40 4.70 3.05
H2'' DNR C 5 5.19 3.48 1.80
H3' DNR C 5 6.40 5.98 1.41
C2 U48 C 7 -1.15 -0.01 -5.58
O2 U48 C 7 -1.13 -1.23 -5.72
C4 U48 C 7 -2.29 1.89 -4.57
C5 U48 C 7 -1.30 2.84 -5.04
C6 U48 C 7 -0.25 2.24 -5.84
OP1 U48 C 7 4.94 4.62 -5.94
P U48 C 7 3.48 4.27 -5.93
OP2 U48 C 7 2.67 5.49 -6.30
O5' U48 C 7 3.07 3.00 -6.87
C5' U48 C 7 3.94 1.85 -6.87
C4' U48 C 7 3.17 0.62 -7.40
O4' U48 C 7 2.11 0.32 -6.46
C3' U48 C 7 2.49 0.82 -8.77
O3' U48 C 7 2.59 -0.37 -9.57
C2' U48 C 7 1.01 1.07 -8.42
C1' U48 C 7 0.81 0.32 -7.09
N1 U48 C 7 -0.22 0.85 -6.16
C5M U48 C 7 -1.31 4.32 -4.72
N4 U48 C 7 -3.35 2.27 -3.80
N3 U48 C 7 -2.16 0.55 -4.81
H6 U48 C 7 0.58 2.81 -6.20
H5' U48 C 7 4.30 1.64 -5.86
H5'' U48 C 7 4.82 2.06 -7.50
H4' U48 C 7 3.87 -0.23 -7.45
H3' U48 C 7 2.91 1.67 -9.32
H3T U48 C 7 2.28 -0.14 -10.50
H2' U48 C 7 0.84 2.15 -8.31
H2'' U48 C 7 0.32 0.71 -9.19
H1' U48 C 7 0.59 -0.72 -7.35
H53 U48 C 7 -0.44 4.84 -5.16
H51 U48 C 7 -1.28 4.48 -3.63
H52 U48 C 7 -2.22 4.79 -5.11
H41 U48 C 7 -3.40 3.21 -3.38
H42 U48 C 7 -3.86 1.62 -3.19
H3 U48 C 7 -2.82 -0.09 -4.39
P DNR D 6 -1.27 -4.71 9.56
OP1 DNR D 6 -1.55 -4.06 10.88
OP2 DNR D 6 -1.65 -6.17 9.64
O5' DNR D 6 -1.98 -3.91 8.32
C5' DNR D 6 -2.64 -4.66 7.27
C4' DNR D 6 -3.01 -3.67 6.15
O4' DNR D 6 -1.83 -3.31 5.40
C1' DNR D 6 -2.26 -2.80 4.12
N1 DNR D 6 -1.11 -2.65 3.20
C6 DNR D 6 -0.45 -3.80 2.67
C2 DNR D 6 -0.72 -1.38 2.77
O2 DNR D 6 -1.20 -0.36 3.22
N3 DNR D 6 0.27 -1.30 1.76
C4 DNR D 6 0.86 -2.36 1.22
N4 DNR D 6 1.75 -2.18 0.23
C5 DNR D 6 0.56 -3.70 1.65
C2' DNR D 6 -3.39 -3.77 3.73
C3' DNR D 6 -4.02 -4.19 5.09
O3' DNR D 6 -5.27 -3.50 5.30
H5' DNR D 6 -3.54 -5.12 7.68
H5'' DNR D 6 -1.98 -5.45 6.89
H4' DNR D 6 -3.43 -2.76 6.60
H1' DNR D 6 -2.73 -1.83 4.32
H6 DNR D 6 -0.76 -4.75 3.10
HN3 DNR D 6 0.60 -0.41 1.37
H41 DNR D 6 2.61 -2.74 0.19
H42 DNR D 6 2.02 -1.22 -0.07
H5 DNR D 6 1.04 -4.58 1.22
H2' DNR D 6 -3.02 -4.66 3.22
H2'' DNR D 6 -4.12 -3.29 3.07
H3' DNR D 6 -4.14 -5.28 5.16
N1 5CM D 7 -5.44 -1.86 -1.77
C2 5CM D 7 -4.64 -1.00 -2.52
N3 5CM D 7 -3.70 -1.54 -3.43
C4 5CM D 7 -3.61 -2.85 -3.58
C5 5CM D 7 -4.43 -3.83 -2.88
C5A 5CM D 7 -4.30 -5.33 -3.07
C6 5CM D 7 -5.37 -3.26 -1.96
O2 5CM D 7 -4.71 0.22 -2.44
N4 5CM D 7 -2.63 -3.25 -4.40
C1' 5CM D 7 -6.40 -1.34 -0.77
C2' 5CM D 7 -7.89 -1.60 -1.12
C3' 5CM D 7 -8.42 -2.54 -0.03
C4' 5CM D 7 -7.45 -2.29 1.14
O4' 5CM D 7 -6.19 -2.03 0.48
O3' 5CM D 7 -9.78 -2.23 0.32
C5' 5CM D 7 -7.28 -3.48 2.11
O5' 5CM D 7 -6.78 -3.01 3.37
P 5CM D 7 -6.64 -4.06 4.62
OP1 5CM D 7 -7.80 -3.90 5.57
OP2 5CM D 7 -6.57 -5.49 4.18
H5A1 5CM D 7 -4.54 -5.62 -4.10
H5A2 5CM D 7 -4.97 -5.87 -2.40
H5A3 5CM D 7 -3.28 -5.66 -2.87
H6 5CM D 7 -6.02 -3.87 -1.33
HN41 5CM D 7 -2.15 -2.55 -4.97
HN42 5CM D 7 -2.74 -4.10 -4.94
H1' 5CM D 7 -6.26 -0.27 -0.59
H2' 5CM D 7 -8.01 -2.05 -2.12
H2'' 5CM D 7 -8.44 -0.64 -1.12
H3' 5CM D 7 -8.34 -3.58 -0.36
H4' 5CM D 7 -7.77 -1.40 1.70
HO3' 5CM D 7 -9.85 -1.27 0.53
H5' 5CM D 7 -8.27 -3.96 2.28
H5'' 5CM D 7 -6.61 -4.25 1.69
P DNR A 5 -9.66 8.27 -1.28
OP1 DNR A 5 -10.23 7.78 0.03
OP2 DNR A 5 -9.92 9.76 -1.35
O5' DNR A 5 -8.08 7.92 -1.49
C5' DNR A 5 -7.43 6.87 -0.72
C4' DNR A 5 -7.91 5.45 -1.12
O4' DNR A 5 -7.57 5.20 -2.51
C1' DNR A 5 -7.06 3.86 -2.71
N1 DNR A 5 -6.15 3.78 -3.89
C6 DNR A 5 -5.41 4.92 -4.27
C2 DNR A 5 -6.02 2.60 -4.61
O2 DNR A 5 -6.62 1.57 -4.32
N3 DNR A 5 -5.13 2.60 -5.72
C4 DNR A 5 -4.45 3.66 -6.10
N4 DNR A 5 -3.62 3.58 -7.17
C5 DNR A 5 -4.53 4.92 -5.41
C2' DNR A 5 -6.40 3.52 -1.37
C3' DNR A 5 -7.18 4.33 -0.32
O3' DNR A 5 -8.15 3.46 0.31
H5' DNR A 5 -6.35 6.95 -0.89
H5'' DNR A 5 -7.60 7.05 0.35
H4' DNR A 5 -9.00 5.36 -0.99
H1' DNR A 5 -7.93 3.19 -2.85
H6 DNR A 5 -5.53 5.81 -3.64
HN3 DNR A 5 -4.96 1.77 -6.31
H41 DNR A 5 -3.57 2.72 -7.74
H42 DNR A 5 -3.61 4.34 -7.85
H5 DNR A 5 -3.95 5.79 -5.71
H2' DNR A 5 -6.41 2.44 -1.16
H2'' DNR A 5 -5.34 3.85 -1.37
H3' DNR A 5 -6.48 4.73 0.43
C2 U48 A 7 1.44 -0.65 5.15
O2 U48 A 7 1.51 -1.83 4.87
C4 U48 A 7 2.37 1.59 4.77
C5 U48 A 7 1.42 2.22 5.66
C6 U48 A 7 0.50 1.30 6.27
OP1 U48 A 7 -6.02 1.93 8.06
P U48 A 7 -5.15 1.95 6.83
OP2 U48 A 7 -4.86 3.40 6.49
O5' U48 A 7 -3.78 1.08 7.01
C5' U48 A 7 -3.89 -0.26 7.56
C4' U48 A 7 -2.50 -0.89 7.78
O4' U48 A 7 -1.70 -0.82 6.58
C3' U48 A 7 -1.62 -0.23 8.86
O3' U48 A 7 -1.95 -0.68 10.18
C2' U48 A 7 -0.21 -0.70 8.44
C1' U48 A 7 -0.29 -0.99 6.92
N1 U48 A 7 0.54 -0.10 6.06
C5M U48 A 7 1.36 3.72 5.89
N4 U48 A 7 3.29 2.29 4.06
N3 U48 A 7 2.33 0.23 4.55
H6 U48 A 7 -0.31 1.66 6.92
H5' U48 A 7 -4.48 -0.88 6.88
H5'' U48 A 7 -4.43 -0.21 8.52
H4' U48 A 7 -2.64 -1.94 8.06
H3' U48 A 7 -1.69 0.85 8.79
H3T U48 A 7 -1.39 -0.16 10.83
H2' U48 A 7 0.56 0.05 8.69
H2'' U48 A 7 0.06 -1.63 8.97
H1' U48 A 7 -0.03 -2.05 6.76
H53 U48 A 7 1.19 4.25 4.95
H51 U48 A 7 2.32 4.08 6.30
H52 U48 A 7 0.56 3.98 6.59
H41 U48 A 7 3.31 3.31 4.03
H42 U48 A 7 3.84 1.91 3.29
H3 U48 A 7 2.98 -0.19 3.89
P DNR B 6 2.02 -2.15 -10.31
OP1 DNR B 6 1.60 -1.24 -11.44
OP2 DNR B 6 3.25 -2.90 -10.76
O5' DNR B 6 2.24 -1.36 -8.91
C5' DNR B 6 3.08 -1.96 -7.90
C4' DNR B 6 3.16 -1.03 -6.67
O4' DNR B 6 1.93 -1.05 -5.93
C1' DNR B 6 2.17 -0.63 -4.57
N1 DNR B 6 1.14 -1.22 -3.67
C6 DNR B 6 0.96 -2.63 -3.69
C2 DNR B 6 0.40 -0.43 -2.80
O2 DNR B 6 0.52 0.79 -2.74
N3 DNR B 6 -0.53 -1.08 -1.95
C4 DNR B 6 -0.71 -2.41 -1.95
N4 DNR B 6 -1.61 -2.95 -1.11
C5 DNR B 6 0.02 -3.28 -2.80
C2' DNR B 6 3.63 -1.06 -4.28
C3' DNR B 6 4.25 -1.42 -5.65
O3' DNR B 6 5.43 -0.64 -5.89
H5' DNR B 6 2.68 -2.95 -7.61
H5'' DNR B 6 4.08 -2.12 -8.32
H4' DNR B 6 3.36 -0.01 -7.02
H1' DNR B 6 2.13 0.47 -4.56
H6 DNR B 6 1.56 -3.17 -4.40
HN3 DNR B 6 -1.12 -0.59 -1.28
H41 DNR B 6 -2.23 -2.36 -0.52
H42 DNR B 6 -2.19 -3.74 -1.40
H5 DNR B 6 -0.13 -4.36 -2.80
H2' DNR B 6 3.67 -1.93 -3.61
H2'' DNR B 6 4.16 -0.25 -3.79
H3' DNR B 6 4.45 -2.50 -5.71
N1 5CM B 7 5.52 -0.88 0.81
C2 5CM B 7 4.77 -0.40 1.90
N3 5CM B 7 4.04 -1.29 2.71
C4 5CM B 7 4.10 -2.59 2.46
C5 5CM B 7 4.80 -3.20 1.33
C5A 5CM B 7 4.78 -4.68 1.02
C6 5CM B 7 5.49 -2.26 0.49
O2 5CM B 7 4.73 0.79 2.21
N4 5CM B 7 3.37 -3.33 3.30
C1' 5CM B 7 6.45 0.02 0.08
C2' 5CM B 7 7.91 -0.45 -0.08
C3' 5CM B 7 8.40 0.26 -1.34
C4' 5CM B 7 7.12 0.88 -1.97
O4' 5CM B 7 6.02 0.26 -1.26
O3' 5CM B 7 9.35 1.28 -0.96
C5' 5CM B 7 6.98 0.69 -3.50
O5' 5CM B 7 6.85 -0.72 -3.82
P 5CM B 7 6.89 -1.19 -5.39
OP1 5CM B 7 8.00 -0.52 -6.16
OP2 5CM B 7 7.04 -2.68 -5.51
H5A1 5CM B 7 5.19 -5.25 1.86
H5A2 5CM B 7 5.38 -4.91 0.12
H5A3 5CM B 7 3.76 -5.03 0.85
H6 5CM B 7 6.02 -2.55 -0.41
HN41 5CM B 7 2.68 -2.85 3.89
HN42 5CM B 7 2.94 -4.19 2.96
H1' 5CM B 7 6.48 1.01 0.57
H2' 5CM B 7 7.97 -1.54 -0.23
H2'' 5CM B 7 8.51 -0.21 0.81
H3' 5CM B 7 8.88 -0.46 -2.03
H4' 5CM B 7 7.11 1.96 -1.75
HO3' 5CM B 7 9.67 1.72 -1.80
H5' 5CM B 7 7.87 1.10 -4.00
H5'' 5CM B 7 6.10 1.24 -3.88
P DNR C 5 10.16 7.88 3.12
OP1 DNR C 5 10.99 8.34 1.95
OP2 DNR C 5 9.24 9.00 3.52
O5' DNR C 5 9.38 6.47 2.87
C5' DNR C 5 10.08 5.44 2.14
C4' DNR C 5 9.18 4.21 1.83
O4' DNR C 5 8.90 3.47 3.05
C1' DNR C 5 7.71 2.68 2.80
N1 DNR C 5 7.15 2.10 4.06
C6 DNR C 5 6.58 2.94 5.03
C2 DNR C 5 7.01 0.70 4.19
O2 DNR C 5 7.50 -0.09 3.42
N3 DNR C 5 6.24 0.21 5.28
C4 DNR C 5 5.65 1.01 6.17
N4 DNR C 5 4.95 0.47 7.18
C5 DNR C 5 5.79 2.44 6.12
C2' DNR C 5 6.81 3.69 2.04
C3' DNR C 5 7.79 4.52 1.20
O3' DNR C 5 7.69 4.02 -0.15
H5' DNR C 5 10.45 5.85 1.20
H5'' DNR C 5 10.96 5.11 2.71
H4' DNR C 5 9.73 3.55 1.16
H1' DNR C 5 7.99 1.89 2.11
H6 DNR C 5 6.80 4.01 4.92
HN3 DNR C 5 6.07 -0.78 5.46
H41 DNR C 5 4.64 -0.51 7.15
H42 DNR C 5 5.33 0.58 8.13
H5 DNR C 5 5.33 3.08 6.88
H2' DNR C 5 6.27 4.35 2.73
H2'' DNR C 5 6.05 3.18 1.42
H3' DNR C 5 7.51 5.58 1.25
C2 U48 C 7 -0.95 1.36 -5.88
O2 U48 C 7 -1.10 0.27 -6.43
C4 U48 C 7 -1.79 2.90 -4.17
C5 U48 C 7 -0.77 3.89 -4.45
C6 U48 C 7 0.13 3.51 -5.51
OP1 U48 C 7 5.26 6.18 -5.92
P U48 C 7 3.86 5.67 -5.62
OP2 U48 C 7 2.99 6.80 -5.17
O5' U48 C 7 3.18 4.86 -6.87
C5' U48 C 7 3.97 3.88 -7.57
C4' U48 C 7 3.03 2.80 -8.16
O4' U48 C 7 2.25 2.22 -7.08
C3' U48 C 7 2.02 3.33 -9.21
O3' U48 C 7 2.09 2.56 -10.42
C2' U48 C 7 0.65 3.14 -8.55
C1' U48 C 7 0.86 2.10 -7.43
N1 U48 C 7 0.02 2.30 -6.22
C5M U48 C 7 -0.65 5.21 -3.72
N4 U48 C 7 -2.73 3.09 -3.22
N3 U48 C 7 -1.82 1.70 -4.85
H6 U48 C 7 0.96 4.16 -5.82
H5' U48 C 7 4.67 3.38 -6.88
H5'' U48 C 7 4.56 4.36 -8.35
H4' U48 C 7 3.64 2.00 -8.62
H3' U48 C 7 2.19 4.39 -9.43
H3T U48 C 7 1.51 3.02 -11.11
H2' U48 C 7 0.31 4.10 -8.14
H2'' U48 C 7 -0.12 2.80 -9.26
H1' U48 C 7 0.73 1.10 -7.86
H53 U48 C 7 -0.47 5.05 -2.65
H51 U48 C 7 -1.57 5.79 -3.83
H52 U48 C 7 0.19 5.81 -4.12
H41 U48 C 7 -2.54 3.73 -2.45
H42 U48 C 7 -3.28 2.30 -2.84
H3 U48 C 7 -2.48 0.99 -4.56
P DNR D 6 -0.94 -5.34 8.71
OP1 DNR D 6 -1.14 -4.79 10.10
OP2 DNR D 6 -1.40 -6.77 8.68
O5' DNR D 6 -1.64 -4.38 7.59
C5' DNR D 6 -2.33 -4.99 6.49
C4' DNR D 6 -2.70 -3.87 5.48
O4' DNR D 6 -1.51 -3.48 4.75
C1' DNR D 6 -1.95 -2.84 3.54
N1 DNR D 6 -0.80 -2.68 2.61
C6 DNR D 6 -0.20 -3.81 2.01
C2 DNR D 6 -0.32 -1.40 2.30
O2 DNR D 6 -0.75 -0.38 2.82
N3 DNR D 6 0.70 -1.30 1.32
C4 DNR D 6 1.23 -2.35 0.71
N4 DNR D 6 2.16 -2.16 -0.26
C5 DNR D 6 0.83 -3.70 1.01
C2' DNR D 6 -3.14 -3.71 3.08
C3' DNR D 6 -3.74 -4.24 4.40
O3' DNR D 6 -4.96 -3.54 4.71
H5' DNR D 6 -3.24 -5.47 6.86
H5'' DNR D 6 -1.71 -5.75 5.99
H4' DNR D 6 -3.07 -3.01 6.03
H1' DNR D 6 -2.34 -1.85 3.83
H6 DNR D 6 -0.58 -4.78 2.36
HN3 DNR D 6 1.11 -0.41 1.01
H41 DNR D 6 2.60 -1.23 -0.38
H42 DNR D 6 2.88 -2.85 -0.44
H5 DNR D 6 1.27 -4.57 0.52
H2' DNR D 6 -2.81 -4.54 2.46
H2'' DNR D 6 -3.84 -3.11 2.49
H3' DNR D 6 -3.90 -5.33 4.36
N1 5CM D 7 -4.91 -1.32 -2.20
C2 5CM D 7 -4.14 -0.31 -2.78
N3 5CM D 7 -3.19 -0.64 -3.79
C4 5CM D 7 -3.05 -1.89 -4.17
C5 5CM D 7 -3.79 -3.02 -3.63
C5A 5CM D 7 -3.58 -4.46 -4.05
C6 5CM D 7 -4.74 -2.66 -2.61
O2 5CM D 7 -4.24 0.87 -2.47
N4 5CM D 7 -2.10 -2.08 -5.09
C1' 5CM D 7 -5.95 -1.00 -1.21
C2' 5CM D 7 -7.39 -1.33 -1.67
C3' 5CM D 7 -7.93 -2.34 -0.64
C4' 5CM D 7 -7.02 -2.13 0.58
O4' 5CM D 7 -5.75 -1.80 -0.02
O3' 5CM D 7 -9.31 -2.09 -0.33
C5' 5CM D 7 -6.86 -3.35 1.51
O5' 5CM D 7 -6.49 -2.91 2.83
P 5CM D 7 -6.38 -4.00 4.04
OP1 5CM D 7 -7.51 -3.82 5.02
OP2 5CM D 7 -6.38 -5.42 3.56
H5A1 5CM D 7 -2.54 -4.76 -3.91
H5A2 5CM D 7 -3.82 -4.58 -5.12
H5A3 5CM D 7 -4.22 -5.15 -3.48
H6 5CM D 7 -5.36 -3.40 -2.09
HN41 5CM D 7 -2.21 -2.84 -5.76
HN42 5CM D 7 -1.76 -1.27 -5.63
H1' 5CM D 7 -5.92 0.06 -0.90
H2' 5CM D 7 -7.42 -1.77 -2.67
H2'' 5CM D 7 -8.00 -0.43 -1.69
H3' 5CM D 7 -7.81 -3.36 -1.01
H4' 5CM D 7 -7.37 -1.26 1.17
HO3' 5CM D 7 -9.43 -1.14 -0.07
H5' 5CM D 7 -7.82 -3.89 1.58
H5'' 5CM D 7 -6.12 -4.06 1.11
#